data_5CFD
#
_entry.id   5CFD
#
_cell.length_a   299.946
_cell.length_b   299.946
_cell.length_c   723.471
_cell.angle_alpha   90.000
_cell.angle_beta   90.000
_cell.angle_gamma   120.000
#
_symmetry.space_group_name_H-M   'P 32 2 1'
#
loop_
_entity.id
_entity.type
_entity.pdbx_description
1 polymer VP1
2 polymer VP3
3 polymer VP2
4 polymer VP4
5 water water
#
loop_
_entity_poly.entity_id
_entity_poly.type
_entity_poly.pdbx_seq_one_letter_code
_entity_poly.pdbx_strand_id
1 'polypeptide(L)'
;GVDNAEKGKVSDDNASTDFVAEPVKLPENQTRVSFFYDRSTLSSVLQSTSDVSSKFTPSTAKNLQNSILLTPLPSDIVNN
SVLPEQERWISFASPTTQKPPYKTKQDWNFIMFSPFTYYKCDLEVTLSKNDRETISSVVRYVPCGAPSDLSDQTMPQTPS
LADTRDPHMWVVGQGTTNQISFVIPYTSPLSVLPSVWFNGFSNFDNSSRFGVAPNADFGRLLLQGQGTFSVHYRYKKMRV
FCPRPTVFIPWP
;
A
2 'polypeptide(L)'
;SPFPVTVREHAGTFFSTTPDTTVPVYGNTISTPFDYMCGEFTDLLSLCKIPTFLGNLDSNKKRIPYFSATNSTPATPLVT
YQVTLSCSCMANSMLAAVARNFNQYRGSLNYLFVFTGSAMTKGKFLISYTPPGAGEPKTLDQAMQATYAIWDLGLNSSYN
FTVPFISPTHYRQTSYNTPTITSVDGWLTVWQLTPLTYPLGVPNDSHILTLVSGGDDFTLRMPVTFTKYVPQ
;
B
3 'polypeptide(L)'
;SDRVSSDTAGNTATNTQSTVGRLFGFGQRHKGKHPASCADTATDKVLAAERYYTIKLASWTKTQESFDHIRVPLPHALAG
ENGGVFSSTLRRHYLCKCGWRIQVQCNASQFHAGSLLVFMAPEFDTSNHSTEVEPRADTAFKVDANWQKHAQILTGHAYV
NTTTKVNVPLALNHQNFWQWTTYPHQILNLRTNTTCDLEVPYVNVCPTSSWTQHANWTLVIAVLTPLQYSQGSATTIEIT
ASIQPVKPVFNGLRHTVV
;
C
4 'polypeptide(L)' GNEGVIINNYYSNQYQNSIDLSAN D
#
# COMPACT_ATOMS: atom_id res chain seq x y z
N GLY A 1 -25.41 -10.14 -8.95
CA GLY A 1 -26.56 -10.36 -8.03
C GLY A 1 -26.31 -9.70 -6.68
N VAL A 2 -27.22 -9.94 -5.74
CA VAL A 2 -27.07 -9.35 -4.40
C VAL A 2 -25.87 -9.94 -3.66
N ASP A 3 -25.40 -9.22 -2.65
CA ASP A 3 -24.28 -9.68 -1.85
C ASP A 3 -24.30 -8.82 -0.58
N ASN A 4 -23.26 -8.93 0.24
CA ASN A 4 -23.17 -8.13 1.46
C ASN A 4 -21.73 -7.73 1.67
N ALA A 5 -21.40 -6.51 1.27
CA ALA A 5 -20.06 -5.98 1.38
C ALA A 5 -19.54 -5.93 2.83
N GLU A 6 -20.44 -5.94 3.81
CA GLU A 6 -19.96 -5.89 5.19
C GLU A 6 -19.14 -7.11 5.59
N LYS A 7 -19.29 -8.21 4.86
CA LYS A 7 -18.53 -9.44 5.12
C LYS A 7 -17.03 -9.15 5.02
N GLY A 8 -16.69 -8.14 4.22
CA GLY A 8 -15.30 -7.77 4.02
C GLY A 8 -14.75 -8.42 2.77
N LYS A 9 -15.63 -9.08 2.04
CA LYS A 9 -15.24 -9.78 0.82
C LYS A 9 -16.48 -10.18 0.02
N VAL A 10 -16.50 -9.83 -1.26
CA VAL A 10 -17.61 -10.21 -2.13
C VAL A 10 -17.01 -10.95 -3.32
N SER A 11 -17.83 -11.71 -4.03
CA SER A 11 -17.34 -12.50 -5.16
C SER A 11 -16.86 -11.68 -6.35
N ASP A 12 -15.98 -12.29 -7.14
CA ASP A 12 -15.45 -11.69 -8.36
C ASP A 12 -16.30 -12.32 -9.45
N ASP A 13 -17.23 -11.56 -10.01
CA ASP A 13 -18.11 -12.10 -11.04
C ASP A 13 -17.65 -11.79 -12.45
N ASN A 14 -18.26 -12.49 -13.40
CA ASN A 14 -18.02 -12.24 -14.80
C ASN A 14 -19.44 -12.06 -15.35
N ALA A 15 -19.59 -11.75 -16.62
CA ALA A 15 -20.90 -11.51 -17.17
C ALA A 15 -21.93 -12.63 -17.05
N SER A 16 -21.49 -13.87 -16.90
CA SER A 16 -22.42 -15.01 -16.83
C SER A 16 -23.27 -15.11 -15.57
N THR A 17 -22.86 -14.45 -14.50
CA THR A 17 -23.61 -14.50 -13.25
C THR A 17 -25.02 -13.92 -13.39
N ASP A 18 -25.13 -12.70 -13.89
CA ASP A 18 -26.43 -12.04 -14.05
C ASP A 18 -27.02 -12.11 -15.46
N PHE A 19 -26.16 -12.27 -16.46
CA PHE A 19 -26.65 -12.27 -17.84
C PHE A 19 -26.32 -13.53 -18.63
N VAL A 20 -26.87 -13.59 -19.85
CA VAL A 20 -26.62 -14.70 -20.75
C VAL A 20 -25.30 -14.32 -21.41
N ALA A 21 -24.20 -14.76 -20.82
CA ALA A 21 -22.87 -14.43 -21.31
C ALA A 21 -21.88 -15.53 -20.96
N GLU A 22 -20.66 -15.39 -21.44
CA GLU A 22 -19.60 -16.36 -21.20
C GLU A 22 -18.35 -15.71 -20.60
N PRO A 23 -17.51 -16.52 -19.92
CA PRO A 23 -16.29 -15.94 -19.35
C PRO A 23 -15.48 -15.63 -20.61
N VAL A 24 -14.58 -14.65 -20.53
CA VAL A 24 -13.86 -14.28 -21.72
C VAL A 24 -12.35 -14.15 -21.46
N LYS A 25 -11.89 -14.81 -20.41
CA LYS A 25 -10.48 -14.74 -20.04
C LYS A 25 -9.45 -15.36 -20.99
N LEU A 26 -8.32 -14.67 -21.12
CA LEU A 26 -7.21 -15.10 -21.94
C LEU A 26 -5.99 -15.16 -21.02
N PRO A 27 -5.11 -16.14 -21.22
CA PRO A 27 -3.92 -16.22 -20.36
C PRO A 27 -3.08 -14.96 -20.46
N GLU A 28 -2.46 -14.58 -19.35
CA GLU A 28 -1.63 -13.39 -19.30
C GLU A 28 -0.85 -13.42 -17.99
N ASN A 29 0.46 -13.16 -18.05
CA ASN A 29 1.22 -13.17 -16.82
C ASN A 29 2.17 -11.99 -16.64
N GLN A 30 1.88 -10.89 -17.31
CA GLN A 30 2.73 -9.71 -17.19
C GLN A 30 2.35 -8.91 -15.95
N THR A 31 1.34 -9.37 -15.22
CA THR A 31 0.93 -8.69 -13.99
C THR A 31 1.59 -9.30 -12.76
N ARG A 32 2.37 -10.36 -12.95
CA ARG A 32 3.07 -10.99 -11.85
C ARG A 32 4.00 -9.97 -11.23
N VAL A 33 4.04 -9.92 -9.90
CA VAL A 33 4.89 -8.98 -9.18
C VAL A 33 6.36 -9.08 -9.63
N SER A 34 6.86 -10.31 -9.77
CA SER A 34 8.24 -10.51 -10.19
C SER A 34 8.55 -9.91 -11.53
N PHE A 35 7.69 -10.17 -12.50
CA PHE A 35 7.87 -9.67 -13.85
C PHE A 35 7.76 -8.15 -13.90
N PHE A 36 6.74 -7.61 -13.24
CA PHE A 36 6.52 -6.18 -13.24
C PHE A 36 7.71 -5.37 -12.74
N TYR A 37 8.25 -5.74 -11.59
CA TYR A 37 9.38 -5.03 -11.00
C TYR A 37 10.74 -5.44 -11.51
N ASP A 38 10.79 -6.46 -12.37
CA ASP A 38 12.05 -6.92 -12.92
C ASP A 38 12.42 -6.15 -14.19
N ARG A 39 12.63 -4.85 -14.04
CA ARG A 39 13.01 -3.98 -15.14
C ARG A 39 13.68 -2.77 -14.49
N SER A 40 14.62 -2.14 -15.20
CA SER A 40 15.34 -1.00 -14.64
C SER A 40 14.59 0.33 -14.74
N THR A 41 14.52 1.03 -13.61
CA THR A 41 13.87 2.33 -13.54
C THR A 41 14.86 3.33 -12.90
N LEU A 42 14.90 4.55 -13.42
CA LEU A 42 15.78 5.59 -12.89
C LEU A 42 15.46 5.75 -11.42
N SER A 43 16.47 5.76 -10.56
CA SER A 43 16.20 5.88 -9.13
C SER A 43 17.14 6.79 -8.35
N SER A 44 18.18 7.29 -8.99
CA SER A 44 19.10 8.18 -8.30
C SER A 44 20.07 8.84 -9.27
N VAL A 45 20.83 9.81 -8.76
CA VAL A 45 21.82 10.52 -9.56
C VAL A 45 22.97 10.87 -8.64
N LEU A 46 24.17 10.84 -9.19
CA LEU A 46 25.38 11.05 -8.42
C LEU A 46 26.32 12.03 -9.11
N GLN A 47 27.08 12.81 -8.35
CA GLN A 47 28.01 13.75 -8.95
C GLN A 47 29.31 13.89 -8.18
N SER A 48 30.42 13.90 -8.91
CA SER A 48 31.75 14.02 -8.30
C SER A 48 32.65 14.95 -9.08
N THR A 49 33.45 15.75 -8.36
CA THR A 49 34.39 16.66 -9.01
C THR A 49 35.81 16.33 -8.55
N SER A 50 35.97 15.17 -7.94
CA SER A 50 37.28 14.71 -7.48
C SER A 50 37.82 13.67 -8.43
N ASP A 51 39.13 13.65 -8.62
CA ASP A 51 39.74 12.67 -9.50
C ASP A 51 39.77 11.30 -8.86
N VAL A 52 40.09 10.29 -9.66
CA VAL A 52 40.18 8.93 -9.17
C VAL A 52 41.26 8.81 -8.10
N SER A 53 42.46 9.28 -8.39
CA SER A 53 43.55 9.18 -7.43
C SER A 53 43.55 10.30 -6.40
N SER A 54 42.61 10.25 -5.46
CA SER A 54 42.50 11.25 -4.41
C SER A 54 41.73 10.66 -3.24
N LYS A 55 41.61 11.44 -2.16
CA LYS A 55 40.87 10.99 -0.99
C LYS A 55 39.40 11.34 -1.16
N PHE A 56 38.53 10.35 -1.00
CA PHE A 56 37.11 10.60 -1.13
C PHE A 56 36.62 11.40 0.08
N THR A 57 35.91 12.49 -0.19
CA THR A 57 35.35 13.32 0.87
C THR A 57 33.91 13.65 0.46
N PRO A 58 32.94 13.38 1.35
CA PRO A 58 31.51 13.64 1.10
C PRO A 58 31.28 15.08 0.66
N SER A 59 30.51 15.27 -0.40
CA SER A 59 30.22 16.62 -0.88
C SER A 59 28.82 16.72 -1.45
N THR A 60 28.31 17.95 -1.52
CA THR A 60 26.98 18.21 -2.07
C THR A 60 27.12 19.41 -3.00
N ALA A 61 26.44 19.36 -4.13
CA ALA A 61 26.49 20.45 -5.09
C ALA A 61 25.14 20.52 -5.79
N LYS A 62 24.37 21.54 -5.45
CA LYS A 62 23.05 21.72 -6.04
C LYS A 62 22.19 20.47 -5.89
N ASN A 63 22.16 19.94 -4.67
CA ASN A 63 21.38 18.77 -4.32
C ASN A 63 21.87 17.42 -4.82
N LEU A 64 23.12 17.35 -5.27
CA LEU A 64 23.68 16.09 -5.72
C LEU A 64 24.92 15.78 -4.90
N GLN A 65 24.94 14.61 -4.27
CA GLN A 65 26.07 14.19 -3.46
C GLN A 65 26.95 13.27 -4.30
N ASN A 66 28.13 12.92 -3.77
CA ASN A 66 29.02 12.02 -4.49
C ASN A 66 28.91 10.59 -3.93
N SER A 67 27.76 10.31 -3.31
CA SER A 67 27.46 9.00 -2.76
C SER A 67 25.94 8.92 -2.61
N ILE A 68 25.39 7.72 -2.62
CA ILE A 68 23.94 7.54 -2.48
C ILE A 68 23.60 6.41 -1.52
N LEU A 69 22.35 6.42 -1.05
CA LEU A 69 21.85 5.38 -0.17
C LEU A 69 20.99 4.52 -1.08
N LEU A 70 21.28 3.22 -1.15
CA LEU A 70 20.54 2.32 -2.02
C LEU A 70 19.18 1.92 -1.45
N THR A 71 18.15 2.68 -1.82
CA THR A 71 16.78 2.40 -1.39
C THR A 71 15.84 3.10 -2.37
N PRO A 72 14.76 2.42 -2.78
CA PRO A 72 13.82 3.05 -3.71
C PRO A 72 13.10 4.25 -3.08
N LEU A 73 13.01 4.27 -1.76
CA LEU A 73 12.35 5.37 -1.04
C LEU A 73 13.20 6.63 -1.07
N PRO A 74 12.56 7.80 -0.91
CA PRO A 74 13.33 9.05 -0.93
C PRO A 74 14.46 9.09 0.08
N SER A 75 15.62 9.56 -0.37
CA SER A 75 16.78 9.67 0.50
C SER A 75 17.46 11.00 0.16
N ASP A 76 18.19 11.56 1.13
CA ASP A 76 18.85 12.84 0.95
C ASP A 76 19.62 13.14 2.22
N ILE A 77 20.41 14.21 2.20
CA ILE A 77 21.13 14.60 3.40
C ILE A 77 20.02 15.01 4.38
N VAL A 78 20.00 14.41 5.55
CA VAL A 78 18.96 14.76 6.53
C VAL A 78 19.61 15.42 7.73
N ASN A 79 19.14 16.62 8.04
CA ASN A 79 19.65 17.39 9.17
C ASN A 79 21.18 17.35 9.25
N ASN A 80 21.82 17.71 8.15
CA ASN A 80 23.28 17.74 8.04
C ASN A 80 24.03 16.46 8.32
N SER A 81 23.45 15.32 7.94
CA SER A 81 24.10 14.04 8.13
C SER A 81 25.32 14.04 7.20
N VAL A 82 26.33 13.25 7.53
CA VAL A 82 27.53 13.19 6.71
C VAL A 82 27.23 12.62 5.33
N LEU A 83 26.43 11.55 5.30
CA LEU A 83 26.03 10.89 4.06
C LEU A 83 24.52 10.90 3.99
N PRO A 84 23.94 10.71 2.80
CA PRO A 84 22.47 10.72 2.71
C PRO A 84 21.78 9.63 3.53
N GLU A 85 20.61 9.93 4.07
CA GLU A 85 19.84 8.98 4.87
C GLU A 85 18.45 8.88 4.24
N GLN A 86 17.65 7.92 4.69
CA GLN A 86 16.32 7.79 4.13
C GLN A 86 15.45 8.95 4.63
N GLU A 87 14.73 9.59 3.71
CA GLU A 87 13.86 10.70 4.08
C GLU A 87 12.46 10.17 4.39
N ARG A 88 11.62 11.04 4.94
CA ARG A 88 10.26 10.67 5.25
C ARG A 88 9.31 11.44 4.35
N TRP A 89 9.88 12.35 3.56
CA TRP A 89 9.08 13.15 2.63
C TRP A 89 9.92 13.71 1.51
N ILE A 90 9.23 14.08 0.43
CA ILE A 90 9.85 14.64 -0.77
C ILE A 90 9.68 16.15 -0.83
N SER A 91 10.73 16.85 -1.24
CA SER A 91 10.71 18.32 -1.34
C SER A 91 11.19 18.78 -2.70
N PHE A 92 10.69 19.92 -3.15
CA PHE A 92 11.13 20.46 -4.44
C PHE A 92 12.57 20.94 -4.26
N ALA A 93 13.36 20.84 -5.32
CA ALA A 93 14.75 21.30 -5.25
C ALA A 93 14.71 22.83 -5.17
N SER A 94 13.83 23.43 -5.96
CA SER A 94 13.65 24.87 -6.00
C SER A 94 12.80 25.36 -4.83
N PRO A 95 13.16 26.52 -4.26
CA PRO A 95 12.42 27.09 -3.13
C PRO A 95 11.23 27.91 -3.61
N THR A 96 11.16 28.13 -4.92
CA THR A 96 10.12 28.97 -5.50
C THR A 96 9.12 28.34 -6.46
N THR A 97 9.63 27.70 -7.51
CA THR A 97 8.82 27.09 -8.55
C THR A 97 7.68 26.16 -8.13
N GLN A 98 7.89 25.38 -7.09
CA GLN A 98 6.89 24.43 -6.64
C GLN A 98 6.57 23.44 -7.75
N LYS A 99 7.62 23.06 -8.46
CA LYS A 99 7.56 22.11 -9.55
C LYS A 99 8.84 21.28 -9.39
N PRO A 100 8.84 20.03 -9.89
CA PRO A 100 10.06 19.24 -9.76
C PRO A 100 11.15 19.86 -10.64
N PRO A 101 12.40 19.33 -10.58
CA PRO A 101 12.95 18.22 -9.81
C PRO A 101 12.80 18.34 -8.30
N TYR A 102 12.97 17.22 -7.62
CA TYR A 102 12.91 17.17 -6.17
C TYR A 102 14.36 17.14 -5.71
N LYS A 103 14.62 17.51 -4.46
CA LYS A 103 15.99 17.53 -3.95
C LYS A 103 16.32 16.16 -3.39
N THR A 104 15.28 15.36 -3.23
CA THR A 104 15.38 14.03 -2.66
C THR A 104 15.54 12.97 -3.78
N LYS A 105 16.30 11.90 -3.50
CA LYS A 105 16.53 10.81 -4.48
C LYS A 105 15.63 9.61 -4.23
N GLN A 106 15.00 9.09 -5.28
CA GLN A 106 14.11 7.94 -5.15
C GLN A 106 13.71 7.34 -6.49
N ASP A 107 13.11 6.15 -6.45
CA ASP A 107 12.63 5.51 -7.67
C ASP A 107 11.18 5.97 -7.75
N TRP A 108 10.93 7.03 -8.50
CA TRP A 108 9.60 7.60 -8.63
C TRP A 108 8.54 6.55 -8.97
N ASN A 109 8.89 5.59 -9.81
CA ASN A 109 7.95 4.56 -10.20
C ASN A 109 7.57 3.64 -9.04
N PHE A 110 8.50 3.48 -8.10
CA PHE A 110 8.25 2.64 -6.95
C PHE A 110 7.38 3.42 -5.95
N ILE A 111 7.75 4.67 -5.68
CA ILE A 111 6.99 5.50 -4.74
C ILE A 111 5.56 5.69 -5.21
N MET A 112 5.39 5.96 -6.50
CA MET A 112 4.07 6.18 -7.07
C MET A 112 3.23 4.91 -7.19
N PHE A 113 3.88 3.75 -7.16
CA PHE A 113 3.14 2.50 -7.25
C PHE A 113 3.77 1.38 -6.44
N SER A 114 3.46 1.36 -5.15
CA SER A 114 3.95 0.32 -4.24
C SER A 114 2.79 -0.09 -3.34
N PRO A 115 1.81 -0.82 -3.89
CA PRO A 115 0.61 -1.30 -3.21
C PRO A 115 0.87 -2.47 -2.25
N PHE A 116 1.93 -2.36 -1.46
CA PHE A 116 2.27 -3.39 -0.49
C PHE A 116 2.99 -2.73 0.68
N THR A 117 2.99 -3.39 1.83
CA THR A 117 3.61 -2.85 3.01
C THR A 117 5.08 -3.25 3.20
N TYR A 118 5.42 -4.46 2.73
CA TYR A 118 6.80 -4.94 2.86
C TYR A 118 7.23 -5.58 1.55
N TYR A 119 8.53 -5.57 1.27
CA TYR A 119 9.04 -6.19 0.06
C TYR A 119 10.38 -6.86 0.33
N LYS A 120 10.76 -7.78 -0.55
CA LYS A 120 11.99 -8.55 -0.44
C LYS A 120 12.53 -8.75 -1.85
N CYS A 121 13.82 -8.51 -2.04
CA CYS A 121 14.41 -8.68 -3.36
C CYS A 121 15.91 -8.44 -3.37
N ASP A 122 16.53 -8.75 -4.51
CA ASP A 122 17.96 -8.51 -4.72
C ASP A 122 17.92 -7.23 -5.54
N LEU A 123 19.04 -6.53 -5.63
CA LEU A 123 19.04 -5.27 -6.37
C LEU A 123 20.06 -5.21 -7.50
N GLU A 124 19.58 -4.99 -8.72
CA GLU A 124 20.47 -4.86 -9.86
C GLU A 124 20.64 -3.36 -10.08
N VAL A 125 21.87 -2.89 -9.92
CA VAL A 125 22.17 -1.48 -10.07
C VAL A 125 22.91 -1.16 -11.37
N THR A 126 22.50 -0.08 -12.03
CA THR A 126 23.14 0.38 -13.25
C THR A 126 23.54 1.83 -13.03
N LEU A 127 24.80 2.13 -13.31
CA LEU A 127 25.33 3.48 -13.13
C LEU A 127 25.82 3.98 -14.49
N SER A 128 25.27 5.10 -14.96
CA SER A 128 25.64 5.63 -16.27
C SER A 128 26.15 7.08 -16.28
N LYS A 129 27.24 7.32 -17.01
CA LYS A 129 27.82 8.66 -17.10
C LYS A 129 26.95 9.51 -18.03
N ASN A 130 26.60 10.72 -17.57
CA ASN A 130 25.73 11.62 -18.34
C ASN A 130 26.27 12.30 -19.60
N ASP A 131 27.53 12.08 -19.95
CA ASP A 131 28.08 12.67 -21.17
C ASP A 131 29.09 11.70 -21.79
N ARG A 132 29.51 12.00 -22.94
CA ARG A 132 30.47 11.22 -23.55
C ARG A 132 31.92 11.38 -23.40
N GLU A 133 32.32 12.04 -22.49
CA GLU A 133 33.75 12.14 -22.18
C GLU A 133 34.16 10.80 -21.59
N THR A 134 35.32 10.29 -22.01
CA THR A 134 35.79 9.00 -21.52
C THR A 134 35.71 8.89 -20.01
N ILE A 135 35.10 7.81 -19.54
CA ILE A 135 34.94 7.59 -18.11
C ILE A 135 36.25 7.16 -17.44
N SER A 136 36.39 7.53 -16.18
CA SER A 136 37.54 7.20 -15.35
C SER A 136 36.98 7.34 -13.95
N SER A 137 36.43 6.25 -13.43
CA SER A 137 35.79 6.30 -12.13
C SER A 137 35.93 5.04 -11.28
N VAL A 138 35.84 5.21 -9.97
CA VAL A 138 35.91 4.11 -9.02
C VAL A 138 34.68 4.21 -8.11
N VAL A 139 33.98 3.10 -7.96
CA VAL A 139 32.79 3.05 -7.12
C VAL A 139 32.97 2.00 -6.02
N ARG A 140 32.57 2.36 -4.81
CA ARG A 140 32.65 1.42 -3.70
C ARG A 140 31.25 1.08 -3.22
N TYR A 141 30.97 -0.20 -3.09
CA TYR A 141 29.66 -0.63 -2.61
C TYR A 141 29.82 -1.08 -1.17
N VAL A 142 29.02 -0.50 -0.28
CA VAL A 142 29.07 -0.85 1.13
C VAL A 142 27.75 -1.53 1.52
N PRO A 143 27.82 -2.78 2.02
CA PRO A 143 26.62 -3.52 2.43
C PRO A 143 25.80 -2.75 3.46
N CYS A 144 24.53 -3.08 3.53
CA CYS A 144 23.61 -2.42 4.46
C CYS A 144 24.12 -2.34 5.91
N GLY A 145 24.30 -1.11 6.39
CA GLY A 145 24.75 -0.90 7.76
C GLY A 145 26.21 -1.12 8.05
N ALA A 146 27.02 -1.42 7.04
CA ALA A 146 28.45 -1.65 7.25
C ALA A 146 29.17 -0.31 7.36
N PRO A 147 30.40 -0.31 7.89
CA PRO A 147 31.19 0.92 8.03
C PRO A 147 31.43 1.60 6.68
N SER A 148 31.26 2.92 6.63
CA SER A 148 31.47 3.66 5.40
C SER A 148 32.96 3.82 5.13
N ASP A 149 33.74 3.84 6.18
CA ASP A 149 35.20 3.96 6.08
C ASP A 149 35.60 5.14 5.19
N LEU A 150 35.25 6.36 5.62
CA LEU A 150 35.60 7.57 4.87
C LEU A 150 36.97 8.05 5.35
N SER A 151 37.95 7.16 5.26
CA SER A 151 39.31 7.43 5.71
C SER A 151 40.25 8.04 4.67
N ASP A 152 41.47 8.35 5.10
CA ASP A 152 42.48 8.93 4.22
C ASP A 152 43.07 7.84 3.35
N GLN A 153 43.84 8.24 2.34
CA GLN A 153 44.50 7.27 1.48
C GLN A 153 45.63 6.69 2.33
N THR A 154 45.93 5.41 2.16
CA THR A 154 47.02 4.81 2.92
C THR A 154 48.28 4.85 2.06
N MET A 155 48.09 5.07 0.77
CA MET A 155 49.20 5.18 -0.18
C MET A 155 48.93 6.35 -1.11
N PRO A 156 49.99 7.12 -1.46
CA PRO A 156 49.88 8.28 -2.33
C PRO A 156 49.29 8.02 -3.71
N GLN A 157 48.49 8.96 -4.19
CA GLN A 157 47.89 8.89 -5.52
C GLN A 157 47.12 7.62 -5.86
N THR A 158 46.29 7.15 -4.93
CA THR A 158 45.47 5.98 -5.15
C THR A 158 44.04 6.34 -4.76
N PRO A 159 43.04 5.71 -5.40
CA PRO A 159 41.66 6.04 -5.04
C PRO A 159 41.32 5.42 -3.69
N SER A 160 41.10 6.26 -2.68
CA SER A 160 40.78 5.74 -1.35
C SER A 160 39.60 4.78 -1.34
N LEU A 161 38.63 4.97 -2.23
CA LEU A 161 37.46 4.09 -2.29
C LEU A 161 37.83 2.64 -2.64
N ALA A 162 38.91 2.47 -3.40
CA ALA A 162 39.37 1.14 -3.80
C ALA A 162 40.21 0.48 -2.69
N ASP A 163 40.51 1.24 -1.66
CA ASP A 163 41.31 0.76 -0.54
C ASP A 163 40.39 0.02 0.43
N THR A 164 39.79 -1.07 -0.05
CA THR A 164 38.84 -1.82 0.76
C THR A 164 38.66 -3.22 0.22
N ARG A 165 38.04 -4.10 1.01
CA ARG A 165 37.75 -5.45 0.53
C ARG A 165 36.28 -5.46 0.12
N ASP A 166 35.58 -4.37 0.43
CA ASP A 166 34.17 -4.23 0.05
C ASP A 166 34.13 -4.33 -1.47
N PRO A 167 32.99 -4.77 -2.02
CA PRO A 167 32.93 -4.87 -3.48
C PRO A 167 33.08 -3.48 -4.10
N HIS A 168 34.00 -3.33 -5.04
CA HIS A 168 34.15 -2.06 -5.72
C HIS A 168 34.39 -2.28 -7.20
N MET A 169 34.10 -1.26 -8.00
CA MET A 169 34.26 -1.34 -9.44
C MET A 169 35.11 -0.19 -9.96
N TRP A 170 35.94 -0.49 -10.96
CA TRP A 170 36.83 0.50 -11.55
C TRP A 170 36.70 0.42 -13.06
N VAL A 171 36.17 1.47 -13.68
CA VAL A 171 36.03 1.50 -15.13
C VAL A 171 36.74 2.73 -15.67
N VAL A 172 37.53 2.56 -16.73
CA VAL A 172 38.30 3.65 -17.32
C VAL A 172 38.84 3.31 -18.70
N GLY A 173 38.87 4.30 -19.59
CA GLY A 173 39.41 4.06 -20.91
C GLY A 173 38.46 4.19 -22.08
N GLN A 174 39.23 4.41 -23.11
CA GLN A 174 38.73 4.51 -24.36
C GLN A 174 37.94 3.31 -24.95
N GLY A 175 37.95 2.06 -24.37
CA GLY A 175 37.40 0.78 -24.78
C GLY A 175 36.13 0.52 -23.99
N THR A 176 35.91 1.32 -22.94
CA THR A 176 34.74 1.16 -22.10
C THR A 176 33.52 1.85 -22.72
N THR A 177 32.35 1.61 -22.16
CA THR A 177 31.13 2.20 -22.69
C THR A 177 30.41 3.08 -21.65
N ASN A 178 31.21 3.77 -20.84
CA ASN A 178 30.75 4.72 -19.84
C ASN A 178 29.66 4.33 -18.84
N GLN A 179 29.53 3.03 -18.56
CA GLN A 179 28.52 2.57 -17.61
C GLN A 179 29.03 1.40 -16.80
N ILE A 180 28.30 1.09 -15.73
CA ILE A 180 28.62 -0.01 -14.84
C ILE A 180 27.29 -0.62 -14.43
N SER A 181 27.26 -1.93 -14.27
CA SER A 181 26.05 -2.59 -13.81
C SER A 181 26.49 -3.82 -13.05
N PHE A 182 25.67 -4.22 -12.08
CA PHE A 182 25.99 -5.37 -11.25
C PHE A 182 24.77 -5.65 -10.39
N VAL A 183 24.76 -6.79 -9.73
CA VAL A 183 23.64 -7.14 -8.87
C VAL A 183 24.18 -7.49 -7.49
N ILE A 184 23.52 -6.97 -6.47
CA ILE A 184 23.89 -7.23 -5.09
C ILE A 184 22.74 -7.97 -4.42
N PRO A 185 23.06 -8.82 -3.44
CA PRO A 185 22.00 -9.56 -2.75
C PRO A 185 21.37 -8.67 -1.69
N TYR A 186 20.25 -9.11 -1.15
CA TYR A 186 19.57 -8.39 -0.09
C TYR A 186 20.54 -8.52 1.10
N THR A 187 20.92 -7.40 1.73
CA THR A 187 21.86 -7.46 2.86
C THR A 187 21.36 -6.91 4.18
N SER A 188 20.13 -6.40 4.21
CA SER A 188 19.59 -5.85 5.45
C SER A 188 19.38 -6.91 6.53
N PRO A 189 19.58 -6.54 7.81
CA PRO A 189 19.39 -7.50 8.90
C PRO A 189 17.90 -7.77 9.12
N LEU A 190 17.06 -6.93 8.50
CA LEU A 190 15.61 -7.10 8.58
C LEU A 190 15.21 -8.22 7.61
N SER A 191 14.17 -8.97 7.95
CA SER A 191 13.71 -10.07 7.10
C SER A 191 13.10 -9.51 5.82
N VAL A 192 12.28 -8.47 5.97
CA VAL A 192 11.65 -7.81 4.83
C VAL A 192 11.73 -6.31 5.10
N LEU A 193 11.76 -5.52 4.02
CA LEU A 193 11.85 -4.07 4.15
C LEU A 193 10.50 -3.38 4.05
N PRO A 194 10.31 -2.28 4.79
CA PRO A 194 9.04 -1.55 4.74
C PRO A 194 9.08 -0.74 3.45
N SER A 195 8.04 -0.85 2.63
CA SER A 195 8.01 -0.16 1.34
C SER A 195 7.55 1.30 1.37
N VAL A 196 6.80 1.67 2.40
CA VAL A 196 6.32 3.03 2.50
C VAL A 196 6.64 3.59 3.88
N TRP A 197 5.84 3.24 4.88
CA TRP A 197 6.03 3.73 6.24
C TRP A 197 6.47 2.65 7.22
N PHE A 198 7.14 3.08 8.29
CA PHE A 198 7.56 2.18 9.37
C PHE A 198 7.03 2.89 10.62
N ASN A 199 5.94 2.37 11.17
CA ASN A 199 5.32 3.00 12.33
C ASN A 199 6.08 2.83 13.64
N GLY A 200 7.28 3.37 13.70
CA GLY A 200 8.08 3.25 14.92
C GLY A 200 9.40 3.98 14.85
N PHE A 201 10.23 3.76 15.87
CA PHE A 201 11.55 4.37 15.98
C PHE A 201 12.62 3.30 15.72
N SER A 202 13.87 3.73 15.58
CA SER A 202 14.95 2.80 15.30
C SER A 202 15.94 2.61 16.46
N ASN A 203 15.92 3.45 17.41
CA ASN A 203 16.78 3.12 18.54
C ASN A 203 16.02 2.96 19.92
N PHE A 204 16.53 2.54 21.04
CA PHE A 204 15.87 2.27 22.31
C PHE A 204 15.38 3.41 23.16
N ASP A 205 15.84 4.63 22.90
CA ASP A 205 15.37 5.77 23.67
C ASP A 205 14.33 6.52 22.84
N ASN A 206 13.91 5.88 21.75
CA ASN A 206 12.92 6.43 20.83
C ASN A 206 13.17 7.88 20.49
N SER A 207 14.39 8.20 20.09
CA SER A 207 14.75 9.57 19.74
C SER A 207 15.01 9.75 18.25
N SER A 208 15.01 8.65 17.50
CA SER A 208 15.23 8.73 16.06
C SER A 208 14.03 9.34 15.38
N ARG A 209 14.11 9.49 14.06
CA ARG A 209 13.02 10.08 13.29
C ARG A 209 11.90 9.05 13.10
N PHE A 210 10.79 9.26 13.80
CA PHE A 210 9.64 8.35 13.71
C PHE A 210 9.23 8.18 12.25
N GLY A 211 9.03 6.92 11.84
CA GLY A 211 8.62 6.66 10.47
C GLY A 211 9.67 5.95 9.63
N VAL A 212 10.91 5.94 10.12
CA VAL A 212 12.01 5.31 9.41
C VAL A 212 12.52 4.08 10.15
N ALA A 213 12.56 2.95 9.45
CA ALA A 213 13.01 1.70 10.03
C ALA A 213 14.53 1.63 10.10
N PRO A 214 15.06 0.85 11.05
CA PRO A 214 16.51 0.73 11.18
C PRO A 214 17.09 -0.16 10.06
N ASN A 215 18.16 0.32 9.43
CA ASN A 215 18.83 -0.44 8.37
C ASN A 215 17.92 -0.95 7.26
N ALA A 216 17.00 -0.11 6.80
CA ALA A 216 16.09 -0.50 5.73
C ALA A 216 16.62 -0.03 4.39
N ASP A 217 17.69 -0.66 3.92
CA ASP A 217 18.27 -0.30 2.63
C ASP A 217 19.12 -1.45 2.07
N PHE A 218 19.74 -1.21 0.92
CA PHE A 218 20.57 -2.21 0.28
C PHE A 218 22.06 -1.86 0.34
N GLY A 219 22.41 -0.90 1.19
CA GLY A 219 23.79 -0.47 1.31
C GLY A 219 23.99 0.90 0.69
N ARG A 220 25.23 1.25 0.37
CA ARG A 220 25.52 2.56 -0.23
C ARG A 220 26.51 2.45 -1.37
N LEU A 221 26.53 3.48 -2.21
CA LEU A 221 27.46 3.57 -3.32
C LEU A 221 28.23 4.88 -3.20
N LEU A 222 29.55 4.79 -3.11
CA LEU A 222 30.38 5.99 -3.00
C LEU A 222 31.14 6.06 -4.32
N LEU A 223 31.28 7.25 -4.88
CA LEU A 223 31.97 7.40 -6.16
C LEU A 223 33.00 8.50 -6.21
N GLN A 224 34.08 8.24 -6.95
CA GLN A 224 35.11 9.25 -7.15
C GLN A 224 35.52 9.17 -8.62
N GLY A 225 35.96 10.30 -9.15
CA GLY A 225 36.31 10.39 -10.55
C GLY A 225 35.38 11.50 -11.03
N GLN A 226 35.71 12.15 -12.13
CA GLN A 226 34.91 13.26 -12.64
C GLN A 226 33.61 12.89 -13.35
N GLY A 227 32.55 13.66 -13.07
CA GLY A 227 31.30 13.42 -13.76
C GLY A 227 30.01 13.34 -12.96
N THR A 228 28.91 13.29 -13.71
CA THR A 228 27.58 13.16 -13.15
C THR A 228 27.08 11.82 -13.68
N PHE A 229 26.60 10.97 -12.78
CA PHE A 229 26.13 9.64 -13.16
C PHE A 229 24.72 9.37 -12.69
N SER A 230 23.89 8.83 -13.60
CA SER A 230 22.51 8.50 -13.24
C SER A 230 22.49 7.03 -12.78
N VAL A 231 21.57 6.71 -11.88
CA VAL A 231 21.47 5.36 -11.35
C VAL A 231 20.10 4.74 -11.58
N HIS A 232 20.09 3.44 -11.87
CA HIS A 232 18.86 2.68 -12.08
C HIS A 232 18.82 1.52 -11.10
N TYR A 233 17.61 1.10 -10.73
CA TYR A 233 17.44 -0.06 -9.86
C TYR A 233 16.56 -1.03 -10.63
N ARG A 234 16.79 -2.32 -10.42
CA ARG A 234 16.00 -3.37 -11.04
C ARG A 234 15.84 -4.37 -9.91
N TYR A 235 14.60 -4.68 -9.56
CA TYR A 235 14.31 -5.57 -8.45
C TYR A 235 14.23 -7.03 -8.87
N LYS A 236 15.26 -7.80 -8.47
CA LYS A 236 15.34 -9.22 -8.82
C LYS A 236 14.63 -10.09 -7.78
N LYS A 237 13.97 -11.14 -8.26
CA LYS A 237 13.20 -12.06 -7.41
C LYS A 237 12.40 -11.27 -6.38
N MET A 238 11.62 -10.36 -6.83
CA MET A 238 10.82 -9.57 -6.00
C MET A 238 9.65 -10.17 -5.38
N ARG A 239 9.48 -9.96 -4.15
CA ARG A 239 8.38 -10.56 -3.41
C ARG A 239 7.78 -9.45 -2.54
N VAL A 240 6.46 -9.37 -2.52
CA VAL A 240 5.79 -8.32 -1.73
C VAL A 240 4.78 -8.90 -0.77
N PHE A 241 4.50 -8.17 0.31
CA PHE A 241 3.58 -8.63 1.34
C PHE A 241 2.63 -7.56 1.83
N CYS A 242 1.42 -7.98 2.20
CA CYS A 242 0.39 -7.10 2.72
C CYS A 242 -0.02 -5.93 1.82
N PRO A 243 -1.09 -6.12 1.06
CA PRO A 243 -1.61 -5.07 0.18
C PRO A 243 -1.95 -3.80 0.97
N ARG A 244 -1.68 -2.64 0.38
CA ARG A 244 -2.00 -1.36 1.00
C ARG A 244 -2.22 -0.31 -0.08
N PRO A 245 -2.82 0.83 0.29
CA PRO A 245 -3.08 1.91 -0.67
C PRO A 245 -1.89 2.45 -1.44
N THR A 246 -2.18 2.91 -2.65
CA THR A 246 -1.23 3.50 -3.57
C THR A 246 -1.24 5.02 -3.32
N VAL A 247 -0.29 5.75 -3.89
CA VAL A 247 -0.28 7.20 -3.69
C VAL A 247 -1.53 7.80 -4.34
N PHE A 248 -2.13 8.77 -3.67
CA PHE A 248 -3.34 9.44 -4.16
C PHE A 248 -3.01 10.26 -5.40
N ILE A 249 -3.98 10.37 -6.32
CA ILE A 249 -3.80 11.15 -7.54
C ILE A 249 -4.90 12.21 -7.57
N PRO A 250 -4.53 13.47 -7.85
CA PRO A 250 -5.50 14.57 -7.92
C PRO A 250 -6.69 14.26 -8.82
N TRP A 251 -7.89 14.63 -8.37
CA TRP A 251 -9.09 14.39 -9.14
C TRP A 251 -9.15 15.20 -10.42
N PRO A 252 -9.38 14.53 -11.57
CA PRO A 252 -9.47 15.17 -12.90
C PRO A 252 -10.71 16.05 -13.04
N SER B 1 42.01 -22.06 -28.43
CA SER B 1 42.35 -20.86 -29.26
C SER B 1 41.25 -19.83 -29.08
N PRO B 2 41.55 -18.54 -29.29
CA PRO B 2 40.50 -17.51 -29.14
C PRO B 2 39.38 -17.65 -30.16
N PHE B 3 38.16 -17.33 -29.75
CA PHE B 3 36.99 -17.42 -30.62
C PHE B 3 36.76 -16.12 -31.37
N PRO B 4 36.54 -16.20 -32.69
CA PRO B 4 36.29 -15.01 -33.50
C PRO B 4 34.90 -14.49 -33.16
N VAL B 5 34.75 -13.19 -32.99
CA VAL B 5 33.43 -12.64 -32.69
C VAL B 5 33.10 -11.46 -33.59
N THR B 6 31.80 -11.29 -33.82
CA THR B 6 31.26 -10.20 -34.63
C THR B 6 30.54 -9.28 -33.66
N VAL B 7 31.16 -8.14 -33.34
CA VAL B 7 30.56 -7.19 -32.43
C VAL B 7 29.37 -6.53 -33.12
N ARG B 8 28.18 -6.75 -32.58
CA ARG B 8 26.97 -6.19 -33.16
C ARG B 8 26.99 -4.67 -33.11
N GLU B 9 26.14 -4.05 -33.93
CA GLU B 9 26.06 -2.60 -34.01
C GLU B 9 25.56 -1.88 -32.76
N HIS B 10 25.08 -2.62 -31.77
CA HIS B 10 24.56 -1.99 -30.55
C HIS B 10 25.47 -2.13 -29.33
N ALA B 11 26.76 -2.34 -29.56
CA ALA B 11 27.75 -2.51 -28.49
C ALA B 11 27.66 -1.45 -27.40
N GLY B 12 27.71 -1.89 -26.14
CA GLY B 12 27.67 -0.97 -25.03
C GLY B 12 26.30 -0.45 -24.63
N THR B 13 25.27 -0.81 -25.38
CA THR B 13 23.93 -0.33 -25.05
C THR B 13 23.37 -0.92 -23.76
N PHE B 14 22.76 -0.06 -22.95
CA PHE B 14 22.13 -0.49 -21.72
C PHE B 14 20.64 -0.62 -22.02
N PHE B 15 20.13 -1.85 -21.99
CA PHE B 15 18.72 -2.12 -22.24
C PHE B 15 18.04 -2.27 -20.89
N SER B 16 17.19 -1.33 -20.52
CA SER B 16 16.52 -1.39 -19.22
C SER B 16 15.63 -2.61 -19.03
N THR B 17 15.18 -3.21 -20.14
CA THR B 17 14.31 -4.36 -20.04
C THR B 17 14.84 -5.65 -20.66
N THR B 18 16.15 -5.73 -20.89
CA THR B 18 16.69 -6.97 -21.44
C THR B 18 16.30 -8.07 -20.45
N PRO B 19 15.89 -9.24 -20.96
CA PRO B 19 15.50 -10.33 -20.06
C PRO B 19 16.69 -11.09 -19.49
N ASP B 20 17.85 -10.44 -19.41
CA ASP B 20 19.04 -11.11 -18.90
C ASP B 20 19.57 -10.44 -17.64
N THR B 21 20.41 -11.17 -16.91
CA THR B 21 21.00 -10.69 -15.67
C THR B 21 22.37 -10.06 -15.89
N THR B 22 22.97 -9.54 -14.83
CA THR B 22 24.28 -8.93 -14.92
C THR B 22 25.24 -9.58 -13.92
N VAL B 23 26.40 -9.09 -13.53
CA VAL B 23 27.42 -9.67 -12.71
C VAL B 23 27.22 -9.55 -11.35
N PRO B 24 27.19 -10.56 -10.59
CA PRO B 24 26.99 -10.58 -9.14
C PRO B 24 28.29 -10.25 -8.44
N VAL B 25 28.28 -9.21 -7.62
CA VAL B 25 29.50 -8.77 -6.93
C VAL B 25 29.56 -9.07 -5.44
N TYR B 26 28.57 -9.78 -4.91
CA TYR B 26 28.58 -10.11 -3.49
C TYR B 26 27.79 -11.40 -3.28
N GLY B 27 28.09 -12.40 -4.11
CA GLY B 27 27.39 -13.67 -4.05
C GLY B 27 27.66 -14.54 -2.85
N ASN B 28 26.98 -15.69 -2.83
CA ASN B 28 27.10 -16.67 -1.74
C ASN B 28 26.61 -16.05 -0.44
N THR B 29 25.65 -15.14 -0.57
CA THR B 29 25.06 -14.44 0.57
C THR B 29 23.63 -14.92 0.82
N ILE B 30 23.34 -15.22 2.08
CA ILE B 30 22.01 -15.67 2.45
C ILE B 30 21.06 -14.50 2.62
N SER B 31 19.89 -14.59 2.01
CA SER B 31 18.88 -13.54 2.13
C SER B 31 18.22 -13.76 3.48
N THR B 32 18.33 -12.79 4.37
CA THR B 32 17.76 -12.88 5.72
C THR B 32 16.43 -13.62 5.71
N PRO B 33 16.36 -14.77 6.40
CA PRO B 33 15.14 -15.60 6.48
C PRO B 33 13.86 -14.81 6.78
N PHE B 34 12.78 -15.15 6.08
CA PHE B 34 11.49 -14.49 6.29
C PHE B 34 10.34 -15.49 6.22
N ASP B 35 10.64 -16.76 6.48
CA ASP B 35 9.63 -17.81 6.43
C ASP B 35 8.43 -17.61 7.38
N TYR B 36 8.59 -16.75 8.38
CA TYR B 36 7.51 -16.47 9.32
C TYR B 36 6.45 -15.56 8.72
N MET B 37 6.80 -14.84 7.65
CA MET B 37 5.90 -13.89 7.01
C MET B 37 4.57 -14.39 6.50
N CYS B 38 3.59 -13.50 6.49
CA CYS B 38 2.24 -13.75 6.00
C CYS B 38 1.85 -12.59 5.10
N GLY B 39 0.72 -12.73 4.41
CA GLY B 39 0.24 -11.68 3.56
C GLY B 39 0.92 -11.50 2.21
N GLU B 40 1.76 -12.46 1.82
CA GLU B 40 2.42 -12.34 0.53
C GLU B 40 1.45 -12.58 -0.61
N PHE B 41 1.63 -11.83 -1.70
CA PHE B 41 0.81 -12.02 -2.89
C PHE B 41 1.78 -11.96 -4.06
N THR B 42 1.49 -12.69 -5.12
CA THR B 42 2.38 -12.76 -6.27
C THR B 42 1.89 -12.14 -7.57
N ASP B 43 0.62 -11.79 -7.63
CA ASP B 43 0.06 -11.21 -8.84
C ASP B 43 -0.60 -9.87 -8.55
N LEU B 44 -0.28 -8.84 -9.33
CA LEU B 44 -0.86 -7.53 -9.13
C LEU B 44 -2.35 -7.55 -9.45
N LEU B 45 -2.80 -8.55 -10.20
CA LEU B 45 -4.22 -8.69 -10.52
C LEU B 45 -5.04 -8.85 -9.25
N SER B 46 -4.45 -9.49 -8.24
CA SER B 46 -5.15 -9.70 -6.98
C SER B 46 -5.66 -8.36 -6.46
N LEU B 47 -4.85 -7.33 -6.61
CA LEU B 47 -5.19 -5.99 -6.15
C LEU B 47 -6.37 -5.42 -6.95
N CYS B 48 -6.32 -5.57 -8.26
CA CYS B 48 -7.37 -5.07 -9.15
C CYS B 48 -8.74 -5.62 -8.80
N LYS B 49 -8.77 -6.80 -8.21
CA LYS B 49 -10.03 -7.43 -7.88
C LYS B 49 -10.63 -7.03 -6.54
N ILE B 50 -9.88 -6.24 -5.76
CA ILE B 50 -10.38 -5.78 -4.47
C ILE B 50 -11.23 -4.53 -4.73
N PRO B 51 -12.52 -4.58 -4.36
CA PRO B 51 -13.36 -3.40 -4.60
C PRO B 51 -12.89 -2.21 -3.76
N THR B 52 -12.66 -1.07 -4.40
CA THR B 52 -12.26 0.15 -3.71
C THR B 52 -13.22 1.26 -4.16
N PHE B 53 -13.22 2.38 -3.45
CA PHE B 53 -14.16 3.47 -3.71
C PHE B 53 -14.03 4.37 -4.93
N LEU B 54 -15.20 4.75 -5.45
CA LEU B 54 -15.32 5.65 -6.59
C LEU B 54 -15.55 7.03 -5.97
N GLY B 55 -15.06 8.07 -6.62
CA GLY B 55 -15.24 9.42 -6.11
C GLY B 55 -16.39 10.15 -6.78
N ASN B 56 -17.50 10.28 -6.07
CA ASN B 56 -18.68 10.96 -6.59
C ASN B 56 -18.65 12.42 -6.15
N LEU B 57 -19.29 13.29 -6.93
CA LEU B 57 -19.30 14.69 -6.58
C LEU B 57 -20.40 15.12 -5.64
N ASP B 58 -19.99 15.93 -4.68
CA ASP B 58 -20.84 16.51 -3.65
C ASP B 58 -21.69 17.60 -4.29
N SER B 59 -22.60 18.19 -3.53
CA SER B 59 -23.40 19.27 -4.08
C SER B 59 -22.48 20.51 -4.07
N ASN B 60 -21.39 20.41 -3.32
CA ASN B 60 -20.40 21.47 -3.21
C ASN B 60 -19.16 21.09 -4.01
N LYS B 61 -19.34 20.15 -4.94
CA LYS B 61 -18.25 19.68 -5.79
C LYS B 61 -17.09 19.04 -5.03
N LYS B 62 -17.40 18.47 -3.87
CA LYS B 62 -16.41 17.79 -3.05
C LYS B 62 -16.55 16.31 -3.38
N ARG B 63 -15.59 15.51 -3.45
CA ARG B 63 -15.59 14.08 -3.65
C ARG B 63 -16.02 13.17 -2.49
N ILE B 64 -16.95 12.38 -2.65
CA ILE B 64 -17.44 11.45 -1.62
C ILE B 64 -17.63 10.05 -2.20
N PRO B 65 -17.46 9.01 -1.36
CA PRO B 65 -17.61 7.60 -1.79
C PRO B 65 -19.04 7.08 -1.99
N TYR B 66 -20.01 7.99 -2.08
CA TYR B 66 -21.40 7.56 -2.25
C TYR B 66 -22.25 8.58 -2.99
N PHE B 67 -23.48 8.20 -3.32
CA PHE B 67 -24.42 9.11 -3.95
C PHE B 67 -25.72 9.08 -3.14
N SER B 68 -26.57 10.09 -3.34
CA SER B 68 -27.84 10.19 -2.62
C SER B 68 -29.06 9.79 -3.41
N ALA B 69 -30.05 9.27 -2.70
CA ALA B 69 -31.31 8.88 -3.32
C ALA B 69 -32.38 9.20 -2.29
N THR B 70 -33.59 9.50 -2.75
CA THR B 70 -34.66 9.84 -1.83
C THR B 70 -36.02 9.40 -2.40
N ASN B 71 -37.10 9.89 -1.79
CA ASN B 71 -38.45 9.53 -2.18
C ASN B 71 -38.95 10.14 -3.51
N SER B 72 -38.25 9.85 -4.59
CA SER B 72 -38.64 10.34 -5.91
C SER B 72 -37.84 9.59 -6.98
N THR B 73 -38.34 9.61 -8.21
CA THR B 73 -37.65 8.93 -9.31
C THR B 73 -37.28 9.92 -10.40
N PRO B 74 -36.08 10.53 -10.32
CA PRO B 74 -35.61 11.50 -11.31
C PRO B 74 -35.68 10.93 -12.73
N ALA B 75 -35.84 11.80 -13.71
CA ALA B 75 -35.91 11.39 -15.11
C ALA B 75 -34.50 11.25 -15.68
N THR B 76 -33.50 11.52 -14.84
CA THR B 76 -32.09 11.43 -15.22
C THR B 76 -31.36 10.49 -14.25
N PRO B 77 -30.25 9.88 -14.70
CA PRO B 77 -29.51 8.97 -13.82
C PRO B 77 -28.95 9.62 -12.56
N LEU B 78 -28.92 8.86 -11.46
CA LEU B 78 -28.38 9.37 -10.20
C LEU B 78 -26.87 9.55 -10.33
N VAL B 79 -26.22 8.65 -11.05
CA VAL B 79 -24.79 8.72 -11.30
C VAL B 79 -24.50 8.14 -12.67
N THR B 80 -23.43 8.62 -13.31
CA THR B 80 -23.03 8.15 -14.62
C THR B 80 -21.51 7.98 -14.63
N TYR B 81 -21.06 6.79 -14.97
CA TYR B 81 -19.63 6.49 -15.02
C TYR B 81 -19.31 6.03 -16.43
N GLN B 82 -18.31 6.62 -17.05
CA GLN B 82 -17.95 6.18 -18.38
C GLN B 82 -17.04 4.98 -18.17
N VAL B 83 -17.24 3.89 -18.91
CA VAL B 83 -16.37 2.75 -18.69
C VAL B 83 -15.03 2.94 -19.41
N THR B 84 -14.04 3.34 -18.61
CA THR B 84 -12.67 3.59 -19.04
C THR B 84 -11.92 3.48 -17.74
N LEU B 85 -10.78 2.80 -17.73
CA LEU B 85 -10.02 2.69 -16.49
C LEU B 85 -9.39 4.06 -16.27
N SER B 86 -9.79 4.99 -17.13
CA SER B 86 -9.32 6.36 -17.13
C SER B 86 -10.36 7.32 -16.49
N CYS B 87 -11.60 6.84 -16.37
CA CYS B 87 -12.70 7.63 -15.77
C CYS B 87 -12.17 8.35 -14.53
N SER B 88 -12.50 9.63 -14.39
CA SER B 88 -12.03 10.39 -13.24
C SER B 88 -12.72 9.92 -11.97
N CYS B 89 -13.92 9.37 -12.09
CA CYS B 89 -14.64 8.91 -10.92
C CYS B 89 -13.95 7.73 -10.23
N MET B 90 -13.17 6.95 -10.98
CA MET B 90 -12.47 5.81 -10.39
C MET B 90 -10.96 6.04 -10.31
N ALA B 91 -10.54 7.28 -10.58
CA ALA B 91 -9.13 7.64 -10.56
C ALA B 91 -8.33 7.17 -9.35
N ASN B 92 -8.97 7.07 -8.19
CA ASN B 92 -8.26 6.65 -6.99
C ASN B 92 -8.55 5.25 -6.47
N SER B 93 -9.21 4.44 -7.28
CA SER B 93 -9.52 3.08 -6.90
C SER B 93 -8.24 2.27 -7.13
N MET B 94 -8.09 1.14 -6.45
CA MET B 94 -6.91 0.31 -6.63
C MET B 94 -6.88 -0.17 -8.08
N LEU B 95 -8.06 -0.46 -8.63
CA LEU B 95 -8.16 -0.92 -10.02
C LEU B 95 -7.48 0.08 -10.97
N ALA B 96 -7.83 1.36 -10.83
CA ALA B 96 -7.26 2.40 -11.68
C ALA B 96 -5.79 2.62 -11.37
N ALA B 97 -5.42 2.56 -10.10
CA ALA B 97 -4.04 2.75 -9.70
C ALA B 97 -3.13 1.70 -10.35
N VAL B 98 -3.62 0.46 -10.40
CA VAL B 98 -2.84 -0.60 -11.02
C VAL B 98 -2.88 -0.47 -12.54
N ALA B 99 -4.08 -0.25 -13.09
CA ALA B 99 -4.25 -0.11 -14.54
C ALA B 99 -3.38 1.01 -15.13
N ARG B 100 -3.13 2.05 -14.35
CA ARG B 100 -2.29 3.15 -14.83
C ARG B 100 -0.89 2.68 -15.20
N ASN B 101 -0.50 1.51 -14.68
CA ASN B 101 0.84 0.98 -14.94
C ASN B 101 0.87 -0.12 -15.99
N PHE B 102 -0.24 -0.26 -16.71
CA PHE B 102 -0.35 -1.25 -17.77
C PHE B 102 -0.97 -0.59 -18.98
N ASN B 103 -0.69 -1.12 -20.16
CA ASN B 103 -1.19 -0.54 -21.39
C ASN B 103 -2.61 -0.95 -21.76
N GLN B 104 -2.94 -2.24 -21.61
CA GLN B 104 -4.27 -2.72 -21.99
C GLN B 104 -4.94 -3.62 -20.97
N TYR B 105 -6.26 -3.71 -21.09
CA TYR B 105 -7.06 -4.57 -20.20
C TYR B 105 -8.05 -5.39 -21.02
N ARG B 106 -8.65 -6.37 -20.38
CA ARG B 106 -9.64 -7.23 -21.01
C ARG B 106 -10.44 -7.87 -19.88
N GLY B 107 -11.71 -8.16 -20.14
CA GLY B 107 -12.50 -8.81 -19.11
C GLY B 107 -13.52 -7.96 -18.38
N SER B 108 -14.19 -8.61 -17.43
CA SER B 108 -15.23 -7.99 -16.63
C SER B 108 -14.80 -6.93 -15.63
N LEU B 109 -15.72 -6.03 -15.34
CA LEU B 109 -15.51 -4.97 -14.35
C LEU B 109 -16.68 -5.18 -13.39
N ASN B 110 -16.41 -5.06 -12.10
CA ASN B 110 -17.46 -5.23 -11.09
C ASN B 110 -17.70 -3.90 -10.40
N TYR B 111 -18.94 -3.42 -10.46
CA TYR B 111 -19.33 -2.19 -9.80
C TYR B 111 -20.18 -2.62 -8.62
N LEU B 112 -19.68 -2.38 -7.42
CA LEU B 112 -20.37 -2.77 -6.20
C LEU B 112 -21.08 -1.59 -5.53
N PHE B 113 -22.38 -1.75 -5.27
CA PHE B 113 -23.16 -0.72 -4.63
C PHE B 113 -23.63 -1.24 -3.27
N VAL B 114 -23.42 -0.44 -2.23
CA VAL B 114 -23.82 -0.83 -0.88
C VAL B 114 -24.83 0.16 -0.33
N PHE B 115 -26.05 -0.30 -0.08
CA PHE B 115 -27.09 0.58 0.45
C PHE B 115 -26.84 0.83 1.93
N THR B 116 -26.74 2.10 2.30
CA THR B 116 -26.47 2.52 3.66
C THR B 116 -27.66 3.21 4.36
N GLY B 117 -28.80 3.28 3.68
CA GLY B 117 -29.96 3.90 4.28
C GLY B 117 -30.45 3.08 5.47
N SER B 118 -31.55 3.48 6.10
CA SER B 118 -32.05 2.75 7.26
C SER B 118 -32.61 1.39 6.85
N ALA B 119 -32.83 0.53 7.84
CA ALA B 119 -33.39 -0.79 7.59
C ALA B 119 -34.85 -0.67 7.17
N MET B 120 -35.48 0.45 7.52
CA MET B 120 -36.88 0.68 7.19
C MET B 120 -37.07 1.26 5.79
N THR B 121 -35.97 1.57 5.11
CA THR B 121 -36.04 2.14 3.77
C THR B 121 -36.02 1.08 2.68
N LYS B 122 -36.94 1.20 1.72
CA LYS B 122 -37.03 0.27 0.61
C LYS B 122 -36.90 1.02 -0.71
N GLY B 123 -36.79 0.27 -1.81
CA GLY B 123 -36.67 0.92 -3.10
C GLY B 123 -35.98 0.05 -4.13
N LYS B 124 -36.05 0.46 -5.39
CA LYS B 124 -35.43 -0.31 -6.47
C LYS B 124 -34.68 0.62 -7.43
N PHE B 125 -33.50 0.16 -7.84
CA PHE B 125 -32.66 0.90 -8.77
C PHE B 125 -32.50 0.06 -10.03
N LEU B 126 -32.24 0.71 -11.15
CA LEU B 126 -32.00 0.01 -12.41
C LEU B 126 -30.58 0.42 -12.81
N ILE B 127 -29.66 -0.53 -12.74
CA ILE B 127 -28.27 -0.29 -13.08
C ILE B 127 -28.10 -0.73 -14.53
N SER B 128 -27.69 0.21 -15.37
CA SER B 128 -27.54 -0.05 -16.78
C SER B 128 -26.15 0.18 -17.35
N TYR B 129 -25.77 -0.68 -18.29
CA TYR B 129 -24.50 -0.54 -18.97
C TYR B 129 -24.83 -0.39 -20.45
N THR B 130 -24.57 0.79 -21.00
CA THR B 130 -24.84 1.07 -22.39
C THR B 130 -23.60 1.07 -23.25
N PRO B 131 -23.50 0.14 -24.21
CA PRO B 131 -22.33 0.08 -25.07
C PRO B 131 -22.39 1.34 -25.96
N PRO B 132 -21.25 1.79 -26.48
CA PRO B 132 -21.24 2.99 -27.32
C PRO B 132 -21.82 2.82 -28.73
N GLY B 133 -21.77 3.90 -29.50
CA GLY B 133 -22.27 3.88 -30.86
C GLY B 133 -23.48 4.78 -31.08
N ALA B 134 -24.31 4.92 -30.05
CA ALA B 134 -25.51 5.74 -30.15
C ALA B 134 -25.55 6.78 -29.03
N GLY B 135 -24.38 7.03 -28.44
CA GLY B 135 -24.32 8.01 -27.38
C GLY B 135 -24.88 7.53 -26.06
N GLU B 136 -24.72 8.39 -25.06
CA GLU B 136 -25.17 8.14 -23.70
C GLU B 136 -26.71 8.03 -23.67
N PRO B 137 -27.25 7.13 -22.83
CA PRO B 137 -28.71 6.98 -22.74
C PRO B 137 -29.32 8.22 -22.08
N LYS B 138 -30.32 8.80 -22.75
CA LYS B 138 -30.96 10.01 -22.25
C LYS B 138 -32.17 9.81 -21.36
N THR B 139 -32.79 8.63 -21.44
CA THR B 139 -33.97 8.34 -20.64
C THR B 139 -33.90 6.94 -20.09
N LEU B 140 -34.82 6.60 -19.19
CA LEU B 140 -34.87 5.27 -18.61
C LEU B 140 -35.20 4.30 -19.75
N ASP B 141 -36.08 4.74 -20.66
CA ASP B 141 -36.47 3.92 -21.80
C ASP B 141 -35.26 3.48 -22.60
N GLN B 142 -34.28 4.37 -22.73
CA GLN B 142 -33.07 4.06 -23.48
C GLN B 142 -32.12 3.20 -22.67
N ALA B 143 -31.97 3.53 -21.39
CA ALA B 143 -31.08 2.80 -20.51
C ALA B 143 -31.47 1.33 -20.38
N MET B 144 -32.70 1.00 -20.51
CA MET B 144 -33.24 -0.32 -20.46
C MET B 144 -33.21 -1.19 -21.70
N GLN B 145 -32.74 -0.57 -22.65
CA GLN B 145 -32.50 -1.03 -23.85
C GLN B 145 -31.14 -1.63 -23.93
N ALA B 146 -30.37 -1.50 -22.94
CA ALA B 146 -29.01 -2.04 -22.95
C ALA B 146 -28.91 -3.07 -21.81
N THR B 147 -27.69 -3.43 -21.46
CA THR B 147 -27.48 -4.40 -20.37
C THR B 147 -27.87 -3.77 -19.05
N TYR B 148 -28.76 -4.43 -18.30
CA TYR B 148 -29.15 -3.88 -17.01
C TYR B 148 -29.62 -4.91 -16.01
N ALA B 149 -29.61 -4.51 -14.75
CA ALA B 149 -30.05 -5.35 -13.66
C ALA B 149 -30.85 -4.47 -12.72
N ILE B 150 -31.92 -5.01 -12.17
CA ILE B 150 -32.73 -4.27 -11.24
C ILE B 150 -32.27 -4.66 -9.84
N TRP B 151 -31.92 -3.66 -9.04
CA TRP B 151 -31.46 -3.89 -7.68
C TRP B 151 -32.56 -3.55 -6.68
N ASP B 152 -33.03 -4.56 -5.95
CA ASP B 152 -34.09 -4.37 -4.97
C ASP B 152 -33.48 -4.38 -3.56
N LEU B 153 -33.77 -3.34 -2.78
CA LEU B 153 -33.23 -3.25 -1.43
C LEU B 153 -33.93 -4.24 -0.52
N GLY B 154 -33.25 -4.65 0.54
CA GLY B 154 -33.83 -5.61 1.47
C GLY B 154 -32.78 -6.12 2.43
N LEU B 155 -32.94 -7.37 2.86
CA LEU B 155 -32.01 -7.99 3.81
C LEU B 155 -30.54 -7.88 3.36
N ASN B 156 -30.26 -8.27 2.12
CA ASN B 156 -28.89 -8.18 1.60
C ASN B 156 -28.65 -6.72 1.23
N SER B 157 -27.55 -6.17 1.72
CA SER B 157 -27.23 -4.75 1.51
C SER B 157 -26.63 -4.28 0.20
N SER B 158 -25.82 -5.11 -0.43
CA SER B 158 -25.14 -4.70 -1.65
C SER B 158 -25.56 -5.40 -2.93
N TYR B 159 -25.18 -4.79 -4.06
CA TYR B 159 -25.44 -5.39 -5.36
C TYR B 159 -24.14 -5.36 -6.14
N ASN B 160 -23.74 -6.53 -6.62
CA ASN B 160 -22.50 -6.68 -7.37
C ASN B 160 -22.89 -6.68 -8.85
N PHE B 161 -22.65 -5.56 -9.53
CA PHE B 161 -23.00 -5.44 -10.94
C PHE B 161 -21.79 -5.61 -11.84
N THR B 162 -21.95 -6.39 -12.90
CA THR B 162 -20.86 -6.64 -13.84
C THR B 162 -21.05 -5.96 -15.18
N VAL B 163 -20.05 -5.18 -15.58
CA VAL B 163 -20.07 -4.54 -16.87
C VAL B 163 -19.39 -5.58 -17.76
N PRO B 164 -20.17 -6.26 -18.62
CA PRO B 164 -19.61 -7.29 -19.51
C PRO B 164 -18.57 -6.68 -20.42
N PHE B 165 -17.58 -7.47 -20.81
CA PHE B 165 -16.57 -6.98 -21.72
C PHE B 165 -17.14 -7.14 -23.13
N ILE B 166 -17.59 -6.04 -23.71
CA ILE B 166 -18.16 -6.04 -25.06
C ILE B 166 -17.26 -5.09 -25.83
N SER B 167 -16.49 -5.64 -26.77
CA SER B 167 -15.54 -4.80 -27.49
C SER B 167 -15.24 -5.29 -28.90
N PRO B 168 -14.93 -4.35 -29.81
CA PRO B 168 -14.62 -4.75 -31.17
C PRO B 168 -13.23 -5.40 -31.19
N THR B 169 -12.41 -5.02 -30.22
CA THR B 169 -11.04 -5.54 -30.09
C THR B 169 -10.88 -6.42 -28.85
N HIS B 170 -9.95 -7.38 -28.92
CA HIS B 170 -9.69 -8.30 -27.81
C HIS B 170 -9.18 -7.62 -26.56
N TYR B 171 -8.46 -6.52 -26.74
CA TYR B 171 -7.93 -5.76 -25.61
C TYR B 171 -8.31 -4.30 -25.80
N ARG B 172 -8.38 -3.56 -24.70
CA ARG B 172 -8.72 -2.15 -24.76
C ARG B 172 -7.67 -1.35 -24.03
N GLN B 173 -7.45 -0.10 -24.47
CA GLN B 173 -6.47 0.77 -23.85
C GLN B 173 -6.92 1.20 -22.47
N THR B 174 -5.99 1.36 -21.55
CA THR B 174 -6.33 1.79 -20.19
C THR B 174 -6.41 3.31 -20.06
N SER B 175 -5.82 4.03 -21.01
CA SER B 175 -5.82 5.50 -21.01
C SER B 175 -5.81 6.02 -22.45
N TYR B 176 -5.87 7.34 -22.62
CA TYR B 176 -5.88 7.93 -23.95
C TYR B 176 -5.70 9.45 -23.96
N ASN B 177 -5.41 10.02 -25.13
CA ASN B 177 -5.27 11.48 -25.28
C ASN B 177 -6.66 11.96 -25.61
N THR B 178 -7.23 11.36 -26.65
CA THR B 178 -8.59 11.65 -27.10
C THR B 178 -9.28 10.31 -27.15
N PRO B 179 -10.56 10.26 -26.76
CA PRO B 179 -11.31 9.00 -26.78
C PRO B 179 -11.37 8.36 -28.16
N THR B 180 -11.17 7.05 -28.19
CA THR B 180 -11.21 6.27 -29.43
C THR B 180 -12.08 5.05 -29.18
N ILE B 181 -12.40 4.31 -30.24
CA ILE B 181 -13.25 3.14 -30.10
C ILE B 181 -12.52 1.99 -29.40
N THR B 182 -11.26 2.21 -29.03
CA THR B 182 -10.48 1.18 -28.34
C THR B 182 -10.09 1.60 -26.93
N SER B 183 -10.57 2.75 -26.47
CA SER B 183 -10.21 3.23 -25.13
C SER B 183 -11.38 3.73 -24.28
N VAL B 184 -12.54 3.90 -24.90
CA VAL B 184 -13.74 4.37 -24.21
C VAL B 184 -14.79 3.32 -24.56
N ASP B 185 -15.52 2.79 -23.57
CA ASP B 185 -16.46 1.72 -23.89
C ASP B 185 -17.92 1.84 -23.42
N GLY B 186 -18.45 3.06 -23.40
CA GLY B 186 -19.83 3.20 -22.98
C GLY B 186 -20.02 3.80 -21.60
N TRP B 187 -21.21 3.61 -21.04
CA TRP B 187 -21.54 4.18 -19.74
C TRP B 187 -22.27 3.25 -18.81
N LEU B 188 -22.05 3.44 -17.51
CA LEU B 188 -22.77 2.69 -16.50
C LEU B 188 -23.56 3.81 -15.82
N THR B 189 -24.88 3.68 -15.82
CA THR B 189 -25.74 4.67 -15.20
C THR B 189 -26.68 3.96 -14.24
N VAL B 190 -26.97 4.57 -13.11
CA VAL B 190 -27.91 3.94 -12.19
C VAL B 190 -29.10 4.86 -12.07
N TRP B 191 -30.28 4.30 -12.28
CA TRP B 191 -31.52 5.05 -12.23
C TRP B 191 -32.36 4.61 -11.06
N GLN B 192 -33.28 5.49 -10.68
CA GLN B 192 -34.20 5.18 -9.61
C GLN B 192 -35.42 4.59 -10.33
N LEU B 193 -35.69 3.30 -10.13
CA LEU B 193 -36.84 2.67 -10.79
C LEU B 193 -38.09 3.02 -9.99
N THR B 194 -38.05 2.73 -8.69
CA THR B 194 -39.16 3.09 -7.81
C THR B 194 -38.49 4.03 -6.80
N PRO B 195 -39.26 4.97 -6.24
CA PRO B 195 -38.64 5.88 -5.28
C PRO B 195 -38.21 5.19 -3.99
N LEU B 196 -37.21 5.73 -3.30
CA LEU B 196 -36.83 5.15 -2.02
C LEU B 196 -38.06 5.46 -1.21
N THR B 197 -38.54 4.48 -0.48
CA THR B 197 -39.75 4.63 0.28
C THR B 197 -39.49 4.25 1.74
N TYR B 198 -40.13 4.94 2.68
CA TYR B 198 -39.88 4.70 4.11
C TYR B 198 -40.95 5.29 5.03
N PRO B 199 -40.92 4.93 6.33
CA PRO B 199 -41.90 5.46 7.29
C PRO B 199 -41.46 6.80 7.88
N LEU B 200 -42.18 7.39 8.75
CA LEU B 200 -41.87 8.57 9.40
C LEU B 200 -40.69 8.43 10.25
N GLY B 201 -40.01 9.46 10.71
CA GLY B 201 -38.84 9.34 11.56
C GLY B 201 -37.60 8.78 10.89
N VAL B 202 -37.57 8.82 9.56
CA VAL B 202 -36.41 8.32 8.81
C VAL B 202 -35.91 9.45 7.91
N PRO B 203 -34.60 9.73 7.94
CA PRO B 203 -34.00 10.78 7.12
C PRO B 203 -34.35 10.56 5.65
N ASN B 204 -34.67 11.65 4.93
CA ASN B 204 -35.05 11.55 3.53
C ASN B 204 -33.97 11.10 2.56
N ASP B 205 -32.71 11.37 2.89
CA ASP B 205 -31.61 10.99 2.01
C ASP B 205 -30.87 9.74 2.45
N SER B 206 -30.73 8.80 1.52
CA SER B 206 -30.03 7.55 1.77
C SER B 206 -28.75 7.61 0.96
N HIS B 207 -27.67 7.08 1.53
CA HIS B 207 -26.39 7.08 0.85
C HIS B 207 -26.02 5.69 0.38
N ILE B 208 -25.64 5.58 -0.89
CA ILE B 208 -25.25 4.31 -1.49
C ILE B 208 -23.76 4.36 -1.79
N LEU B 209 -22.96 3.54 -1.12
CA LEU B 209 -21.53 3.50 -1.38
C LEU B 209 -21.30 2.90 -2.75
N THR B 210 -20.28 3.38 -3.45
CA THR B 210 -19.97 2.91 -4.79
C THR B 210 -18.50 2.48 -4.90
N LEU B 211 -18.27 1.24 -5.34
CA LEU B 211 -16.92 0.72 -5.48
C LEU B 211 -16.71 0.02 -6.83
N VAL B 212 -15.54 -0.16 -7.35
CA VAL B 212 -15.21 -0.82 -8.53
C VAL B 212 -14.05 -1.69 -8.41
N SER B 213 -13.80 -2.68 -9.22
CA SER B 213 -12.73 -3.65 -9.21
C SER B 213 -12.86 -4.48 -10.47
N GLY B 214 -11.83 -5.24 -10.80
CA GLY B 214 -11.87 -6.09 -11.96
C GLY B 214 -12.65 -7.33 -11.62
N GLY B 215 -13.31 -7.91 -12.62
CA GLY B 215 -14.07 -9.12 -12.37
C GLY B 215 -13.21 -10.36 -12.43
N ASP B 216 -13.89 -11.50 -12.42
CA ASP B 216 -13.26 -12.80 -12.46
C ASP B 216 -12.30 -13.02 -13.63
N ASP B 217 -12.73 -12.64 -14.83
CA ASP B 217 -11.93 -12.80 -16.03
C ASP B 217 -11.23 -11.53 -16.47
N PHE B 218 -10.93 -10.65 -15.53
CA PHE B 218 -10.26 -9.39 -15.83
C PHE B 218 -8.74 -9.56 -15.85
N THR B 219 -8.08 -8.95 -16.83
CA THR B 219 -6.62 -9.01 -16.91
C THR B 219 -6.04 -7.71 -17.44
N LEU B 220 -4.76 -7.49 -17.17
CA LEU B 220 -4.03 -6.31 -17.60
C LEU B 220 -2.73 -6.80 -18.23
N ARG B 221 -2.11 -6.00 -19.09
CA ARG B 221 -0.85 -6.41 -19.69
C ARG B 221 0.00 -5.23 -20.17
N MET B 222 1.28 -5.52 -20.39
CA MET B 222 2.25 -4.52 -20.85
C MET B 222 2.79 -3.40 -19.98
N PRO B 223 3.40 -3.74 -18.84
CA PRO B 223 3.96 -2.75 -17.91
C PRO B 223 4.46 -1.43 -18.51
N VAL B 224 3.90 -0.32 -18.04
CA VAL B 224 4.29 1.01 -18.52
C VAL B 224 4.25 2.00 -17.38
N THR B 225 4.71 3.23 -17.63
CA THR B 225 4.70 4.29 -16.63
C THR B 225 3.62 5.30 -17.04
N PHE B 226 2.81 5.71 -16.06
CA PHE B 226 1.75 6.67 -16.34
C PHE B 226 2.28 8.10 -16.31
N THR B 227 1.52 9.02 -16.91
CA THR B 227 1.89 10.43 -16.94
C THR B 227 2.16 10.93 -15.53
N LYS B 228 3.39 11.38 -15.28
CA LYS B 228 3.74 11.86 -13.94
C LYS B 228 2.97 13.10 -13.54
N TYR B 229 2.84 13.29 -12.23
CA TYR B 229 2.15 14.43 -11.67
C TYR B 229 2.79 14.83 -10.35
N VAL B 230 2.47 16.02 -9.86
CA VAL B 230 3.01 16.49 -8.59
C VAL B 230 1.93 16.24 -7.55
N PRO B 231 2.23 15.42 -6.52
CA PRO B 231 1.26 15.12 -5.47
C PRO B 231 0.78 16.39 -4.76
N GLN B 232 -0.48 16.39 -4.34
CA GLN B 232 -1.04 17.55 -3.64
C GLN B 232 -2.44 17.26 -3.08
N SER C 1 -30.28 -15.90 13.23
CA SER C 1 -29.90 -17.14 13.98
C SER C 1 -28.55 -17.72 13.55
N ASP C 2 -28.26 -17.64 12.25
CA ASP C 2 -26.97 -18.11 11.74
C ASP C 2 -26.06 -16.93 12.00
N ARG C 3 -26.69 -15.83 12.43
CA ARG C 3 -26.03 -14.58 12.74
C ARG C 3 -25.78 -14.37 14.23
N VAL C 4 -26.09 -15.40 15.01
CA VAL C 4 -25.85 -15.38 16.44
C VAL C 4 -24.49 -16.07 16.59
N SER C 5 -23.52 -15.38 17.17
CA SER C 5 -22.20 -15.96 17.31
C SER C 5 -21.56 -15.65 18.65
N SER C 6 -20.97 -16.68 19.25
CA SER C 6 -20.30 -16.58 20.54
C SER C 6 -18.83 -16.96 20.35
N ASP C 7 -17.93 -16.26 21.03
CA ASP C 7 -16.51 -16.58 20.91
C ASP C 7 -15.83 -16.48 22.27
N THR C 8 -15.31 -17.62 22.73
CA THR C 8 -14.62 -17.71 24.01
C THR C 8 -13.11 -17.51 23.85
N ALA C 9 -12.52 -16.88 24.85
CA ALA C 9 -11.09 -16.63 24.90
C ALA C 9 -10.77 -16.48 26.37
N GLY C 10 -10.17 -17.51 26.95
CA GLY C 10 -9.84 -17.47 28.37
C GLY C 10 -11.11 -17.33 29.19
N ASN C 11 -11.13 -16.33 30.08
CA ASN C 11 -12.29 -16.10 30.93
C ASN C 11 -13.18 -14.99 30.38
N THR C 12 -13.19 -14.84 29.06
CA THR C 12 -14.01 -13.82 28.42
C THR C 12 -14.76 -14.42 27.24
N ALA C 13 -15.87 -13.78 26.86
CA ALA C 13 -16.66 -14.24 25.74
C ALA C 13 -17.41 -13.09 25.10
N THR C 14 -17.33 -13.00 23.77
CA THR C 14 -18.05 -11.96 23.06
C THR C 14 -19.29 -12.65 22.49
N ASN C 15 -20.36 -11.90 22.34
CA ASN C 15 -21.59 -12.45 21.79
C ASN C 15 -22.17 -11.38 20.89
N THR C 16 -22.73 -11.81 19.77
CA THR C 16 -23.35 -10.89 18.83
C THR C 16 -24.55 -11.61 18.24
N GLN C 17 -25.53 -10.85 17.77
CA GLN C 17 -26.71 -11.45 17.17
C GLN C 17 -26.92 -10.91 15.76
N SER C 18 -25.88 -10.33 15.20
CA SER C 18 -25.96 -9.78 13.84
C SER C 18 -24.62 -9.89 13.12
N THR C 19 -23.89 -10.97 13.36
CA THR C 19 -22.59 -11.15 12.71
C THR C 19 -22.72 -11.44 11.22
N VAL C 20 -21.69 -11.09 10.48
CA VAL C 20 -21.66 -11.37 9.04
C VAL C 20 -20.43 -12.23 8.79
N GLY C 21 -19.98 -12.90 9.85
CA GLY C 21 -18.83 -13.78 9.77
C GLY C 21 -17.55 -13.12 10.26
N ARG C 22 -16.48 -13.91 10.36
CA ARG C 22 -15.19 -13.40 10.80
C ARG C 22 -14.24 -13.39 9.60
N LEU C 23 -13.59 -12.25 9.37
CA LEU C 23 -12.68 -12.16 8.24
C LEU C 23 -11.24 -12.34 8.71
N PHE C 24 -10.56 -13.31 8.11
CA PHE C 24 -9.17 -13.60 8.43
C PHE C 24 -8.26 -12.92 7.43
N GLY C 25 -7.56 -11.87 7.89
CA GLY C 25 -6.67 -11.15 7.01
C GLY C 25 -5.58 -12.06 6.48
N PHE C 26 -5.37 -12.03 5.17
CA PHE C 26 -4.35 -12.85 4.52
C PHE C 26 -4.65 -14.35 4.66
N GLY C 27 -5.87 -14.68 5.11
CA GLY C 27 -6.24 -16.06 5.29
C GLY C 27 -5.33 -16.80 6.24
N GLN C 28 -4.68 -16.04 7.12
CA GLN C 28 -3.74 -16.61 8.08
C GLN C 28 -4.05 -16.28 9.54
N ARG C 29 -3.57 -17.15 10.43
CA ARG C 29 -3.74 -17.02 11.86
C ARG C 29 -2.36 -17.08 12.49
N HIS C 30 -2.17 -16.43 13.64
CA HIS C 30 -0.88 -16.50 14.30
C HIS C 30 -0.92 -17.85 15.03
N LYS C 31 0.02 -18.74 14.71
CA LYS C 31 0.05 -20.06 15.33
C LYS C 31 0.80 -20.14 16.65
N GLY C 32 1.48 -19.06 17.02
CA GLY C 32 2.21 -19.05 18.27
C GLY C 32 3.57 -19.74 18.27
N LYS C 33 4.17 -19.90 17.10
CA LYS C 33 5.48 -20.52 17.03
C LYS C 33 6.50 -19.54 17.59
N HIS C 34 7.51 -20.06 18.27
CA HIS C 34 8.53 -19.21 18.86
C HIS C 34 9.39 -18.62 17.76
N PRO C 35 9.85 -17.37 17.94
CA PRO C 35 10.69 -16.74 16.92
C PRO C 35 12.05 -17.43 16.84
N ALA C 36 12.48 -17.77 15.63
CA ALA C 36 13.75 -18.44 15.42
C ALA C 36 14.95 -17.50 15.61
N SER C 37 14.68 -16.25 15.95
CA SER C 37 15.74 -15.28 16.16
C SER C 37 16.12 -15.16 17.64
N CYS C 38 15.49 -15.98 18.48
CA CYS C 38 15.76 -15.95 19.92
C CYS C 38 16.17 -17.32 20.45
N ALA C 39 17.26 -17.36 21.21
CA ALA C 39 17.76 -18.60 21.78
C ALA C 39 17.00 -18.98 23.04
N ASP C 40 16.59 -17.98 23.82
CA ASP C 40 15.85 -18.26 25.05
C ASP C 40 14.47 -18.83 24.72
N THR C 41 14.06 -19.87 25.44
CA THR C 41 12.76 -20.45 25.20
C THR C 41 11.72 -19.40 25.59
N ALA C 42 10.82 -19.08 24.67
CA ALA C 42 9.81 -18.08 24.91
C ALA C 42 8.81 -18.47 25.97
N THR C 43 8.15 -17.45 26.54
CA THR C 43 7.09 -17.65 27.52
C THR C 43 5.86 -17.60 26.62
N ASP C 44 4.98 -18.59 26.73
CA ASP C 44 3.80 -18.62 25.88
C ASP C 44 2.64 -19.35 26.54
N LYS C 45 1.54 -19.46 25.79
CA LYS C 45 0.34 -20.13 26.29
C LYS C 45 -0.05 -19.65 27.68
N VAL C 46 -0.04 -18.33 27.87
CA VAL C 46 -0.43 -17.75 29.16
C VAL C 46 -1.92 -17.47 29.04
N LEU C 47 -2.74 -18.37 29.58
CA LEU C 47 -4.19 -18.24 29.48
C LEU C 47 -4.74 -16.89 29.95
N ALA C 48 -4.12 -16.30 30.97
CA ALA C 48 -4.56 -15.03 31.50
C ALA C 48 -4.31 -13.87 30.54
N ALA C 49 -3.56 -14.12 29.47
CA ALA C 49 -3.24 -13.10 28.48
C ALA C 49 -3.95 -13.35 27.15
N GLU C 50 -4.51 -14.54 26.99
CA GLU C 50 -5.18 -14.92 25.77
C GLU C 50 -6.69 -14.76 25.95
N ARG C 51 -7.11 -13.50 26.02
CA ARG C 51 -8.49 -13.15 26.24
C ARG C 51 -8.83 -11.85 25.51
N TYR C 52 -10.09 -11.45 25.59
CA TYR C 52 -10.55 -10.22 24.98
C TYR C 52 -10.49 -9.08 26.00
N TYR C 53 -9.90 -7.96 25.56
CA TYR C 53 -9.82 -6.77 26.40
C TYR C 53 -10.78 -5.79 25.73
N THR C 54 -11.83 -5.40 26.45
CA THR C 54 -12.83 -4.51 25.89
C THR C 54 -12.67 -3.06 26.35
N ILE C 55 -12.65 -2.14 25.39
CA ILE C 55 -12.50 -0.72 25.68
C ILE C 55 -13.46 0.14 24.85
N LYS C 56 -13.82 1.31 25.39
CA LYS C 56 -14.69 2.24 24.66
C LYS C 56 -13.78 2.98 23.69
N LEU C 57 -14.25 3.25 22.48
CA LEU C 57 -13.42 3.93 21.49
C LEU C 57 -13.85 5.36 21.15
N ALA C 58 -15.12 5.55 20.82
CA ALA C 58 -15.58 6.88 20.46
C ALA C 58 -17.10 7.03 20.38
N SER C 59 -17.52 8.28 20.21
CA SER C 59 -18.92 8.61 20.07
C SER C 59 -19.09 9.06 18.63
N TRP C 60 -20.08 8.50 17.96
CA TRP C 60 -20.34 8.82 16.57
C TRP C 60 -21.48 9.84 16.50
N THR C 61 -21.21 11.00 15.92
CA THR C 61 -22.22 12.04 15.79
C THR C 61 -22.44 12.39 14.33
N LYS C 62 -23.45 13.22 14.06
CA LYS C 62 -23.75 13.62 12.69
C LYS C 62 -22.66 14.47 12.07
N THR C 63 -21.76 15.03 12.87
CA THR C 63 -20.71 15.90 12.32
C THR C 63 -19.54 15.17 11.66
N GLN C 64 -19.38 13.88 11.93
CA GLN C 64 -18.29 13.12 11.30
C GLN C 64 -18.59 12.94 9.81
N GLU C 65 -17.56 13.10 8.98
CA GLU C 65 -17.71 12.96 7.54
C GLU C 65 -17.01 11.68 7.08
N SER C 66 -17.29 11.29 5.83
CA SER C 66 -16.66 10.11 5.27
C SER C 66 -15.16 10.20 5.44
N PHE C 67 -14.58 9.11 5.93
CA PHE C 67 -13.15 8.98 6.15
C PHE C 67 -12.56 9.60 7.41
N ASP C 68 -13.42 10.20 8.24
CA ASP C 68 -12.93 10.72 9.50
C ASP C 68 -12.71 9.39 10.23
N HIS C 69 -11.64 9.28 11.01
CA HIS C 69 -11.36 7.99 11.63
C HIS C 69 -10.76 8.03 13.02
N ILE C 70 -10.62 6.83 13.58
CA ILE C 70 -10.04 6.64 14.89
C ILE C 70 -9.04 5.50 14.82
N ARG C 71 -7.86 5.72 15.36
CA ARG C 71 -6.79 4.73 15.32
C ARG C 71 -6.50 4.11 16.68
N VAL C 72 -6.23 2.81 16.67
CA VAL C 72 -5.91 2.07 17.88
C VAL C 72 -4.58 1.34 17.65
N PRO C 73 -3.45 1.96 18.07
CA PRO C 73 -2.14 1.35 17.90
C PRO C 73 -2.01 0.07 18.70
N LEU C 74 -1.46 -0.97 18.08
CA LEU C 74 -1.28 -2.26 18.75
C LEU C 74 0.19 -2.66 18.71
N PRO C 75 0.69 -3.29 19.78
CA PRO C 75 0.00 -3.69 21.02
C PRO C 75 -0.19 -2.59 22.07
N HIS C 76 0.37 -1.41 21.80
CA HIS C 76 0.32 -0.29 22.73
C HIS C 76 -1.03 0.07 23.34
N ALA C 77 -2.11 -0.07 22.58
CA ALA C 77 -3.43 0.25 23.11
C ALA C 77 -3.72 -0.58 24.37
N LEU C 78 -3.03 -1.70 24.52
CA LEU C 78 -3.23 -2.58 25.67
C LEU C 78 -2.00 -2.73 26.56
N ALA C 79 -1.02 -1.86 26.36
CA ALA C 79 0.21 -1.92 27.15
C ALA C 79 0.08 -1.20 28.48
N GLY C 80 -1.09 -0.60 28.72
CA GLY C 80 -1.34 0.09 29.97
C GLY C 80 -1.86 -0.86 31.03
N GLU C 81 -2.30 -0.32 32.15
CA GLU C 81 -2.81 -1.16 33.23
C GLU C 81 -4.01 -2.02 32.85
N ASN C 82 -4.89 -1.50 32.00
CA ASN C 82 -6.09 -2.25 31.61
C ASN C 82 -5.82 -3.43 30.67
N GLY C 83 -4.56 -3.66 30.35
CA GLY C 83 -4.19 -4.78 29.50
C GLY C 83 -3.95 -6.03 30.32
N GLY C 84 -4.31 -5.97 31.60
CA GLY C 84 -4.15 -7.11 32.49
C GLY C 84 -2.81 -7.82 32.46
N VAL C 85 -2.87 -9.15 32.42
CA VAL C 85 -1.65 -9.96 32.40
C VAL C 85 -0.93 -9.93 31.04
N PHE C 86 -1.64 -9.56 29.98
CA PHE C 86 -0.99 -9.47 28.69
C PHE C 86 -0.01 -8.31 28.83
N SER C 87 -0.54 -7.19 29.33
CA SER C 87 0.24 -5.99 29.54
C SER C 87 1.37 -6.19 30.54
N SER C 88 1.08 -6.69 31.73
CA SER C 88 2.13 -6.89 32.72
C SER C 88 3.23 -7.83 32.27
N THR C 89 2.90 -8.77 31.38
CA THR C 89 3.91 -9.71 30.88
C THR C 89 4.69 -9.03 29.77
N LEU C 90 3.95 -8.30 28.93
CA LEU C 90 4.55 -7.57 27.82
C LEU C 90 5.59 -6.56 28.31
N ARG C 91 5.22 -5.76 29.31
CA ARG C 91 6.11 -4.73 29.83
C ARG C 91 7.43 -5.27 30.38
N ARG C 92 7.43 -6.55 30.76
CA ARG C 92 8.63 -7.15 31.32
C ARG C 92 9.39 -8.03 30.33
N HIS C 93 9.10 -7.85 29.04
CA HIS C 93 9.76 -8.59 27.98
C HIS C 93 10.22 -7.66 26.88
N TYR C 94 11.42 -7.92 26.40
CA TYR C 94 12.04 -7.16 25.33
C TYR C 94 11.27 -7.34 24.03
N LEU C 95 10.91 -8.59 23.74
CA LEU C 95 10.22 -8.91 22.50
C LEU C 95 8.86 -9.58 22.67
N CYS C 96 7.95 -9.28 21.74
CA CYS C 96 6.63 -9.88 21.73
C CYS C 96 6.20 -10.08 20.28
N LYS C 97 5.46 -11.14 20.05
CA LYS C 97 4.99 -11.49 18.72
C LYS C 97 3.60 -12.08 18.90
N CYS C 98 2.62 -11.55 18.16
CA CYS C 98 1.26 -12.05 18.27
C CYS C 98 0.36 -11.56 17.15
N GLY C 99 -0.81 -12.18 17.04
CA GLY C 99 -1.78 -11.78 16.03
C GLY C 99 -2.89 -11.08 16.79
N TRP C 100 -3.96 -10.71 16.10
CA TRP C 100 -5.07 -10.04 16.77
C TRP C 100 -6.42 -10.54 16.32
N ARG C 101 -7.39 -10.69 17.15
CA ARG C 101 -8.70 -11.11 16.84
C ARG C 101 -9.47 -10.09 17.45
N ILE C 102 -10.25 -9.38 16.75
CA ILE C 102 -11.00 -8.21 17.18
C ILE C 102 -12.45 -8.13 16.76
N GLN C 103 -13.26 -7.55 17.62
CA GLN C 103 -14.68 -7.33 17.34
C GLN C 103 -14.99 -5.90 17.74
N VAL C 104 -15.46 -5.08 16.82
CA VAL C 104 -15.83 -3.72 17.21
C VAL C 104 -17.34 -3.70 17.24
N GLN C 105 -17.89 -3.03 18.25
CA GLN C 105 -19.32 -2.98 18.44
C GLN C 105 -19.89 -1.57 18.28
N CYS C 106 -21.10 -1.50 17.74
CA CYS C 106 -21.80 -0.23 17.54
C CYS C 106 -23.22 -0.47 17.07
N ASN C 107 -24.19 -0.17 17.94
CA ASN C 107 -25.59 -0.34 17.60
C ASN C 107 -26.31 1.01 17.49
N ALA C 108 -26.97 1.11 16.47
CA ALA C 108 -28.09 1.97 16.30
C ALA C 108 -29.57 1.40 16.33
N SER C 109 -30.39 1.89 15.47
CA SER C 109 -31.69 1.27 15.22
C SER C 109 -32.04 1.13 13.76
N GLN C 110 -33.22 0.58 13.48
CA GLN C 110 -33.66 0.40 12.11
C GLN C 110 -34.04 1.75 11.48
N PHE C 111 -34.07 2.80 12.31
CA PHE C 111 -34.41 4.12 11.82
C PHE C 111 -33.19 5.03 11.65
N HIS C 112 -32.02 4.52 12.00
CA HIS C 112 -30.78 5.27 11.84
C HIS C 112 -30.14 4.84 10.52
N ALA C 113 -29.25 5.65 10.00
CA ALA C 113 -28.56 5.34 8.75
C ALA C 113 -27.09 5.71 8.92
N GLY C 114 -26.22 5.07 8.15
CA GLY C 114 -24.81 5.35 8.26
C GLY C 114 -24.01 4.07 8.26
N SER C 115 -22.71 4.16 8.03
CA SER C 115 -21.86 2.98 8.00
C SER C 115 -20.41 3.30 8.33
N LEU C 116 -19.72 2.30 8.87
CA LEU C 116 -18.31 2.46 9.25
C LEU C 116 -17.48 1.40 8.53
N LEU C 117 -16.19 1.69 8.38
CA LEU C 117 -15.26 0.75 7.79
C LEU C 117 -14.36 0.35 8.95
N VAL C 118 -14.29 -0.94 9.24
CA VAL C 118 -13.47 -1.44 10.33
C VAL C 118 -12.33 -2.25 9.71
N PHE C 119 -11.10 -1.78 9.86
CA PHE C 119 -9.99 -2.51 9.28
C PHE C 119 -8.72 -2.54 10.13
N MET C 120 -7.82 -3.44 9.76
CA MET C 120 -6.53 -3.62 10.43
C MET C 120 -5.47 -3.32 9.38
N ALA C 121 -4.48 -2.52 9.74
CA ALA C 121 -3.43 -2.18 8.78
C ALA C 121 -2.05 -2.21 9.41
N PRO C 122 -1.09 -2.87 8.74
CA PRO C 122 0.28 -2.94 9.27
C PRO C 122 1.04 -1.69 8.84
N GLU C 123 1.90 -1.17 9.71
CA GLU C 123 2.68 0.03 9.42
C GLU C 123 1.78 1.19 9.01
N PHE C 124 0.66 1.34 9.72
CA PHE C 124 -0.29 2.41 9.48
C PHE C 124 0.08 3.54 10.44
N ASP C 125 0.39 4.72 9.90
CA ASP C 125 0.80 5.85 10.72
C ASP C 125 -0.16 6.22 11.85
N THR C 126 0.34 6.17 13.09
CA THR C 126 -0.47 6.50 14.26
C THR C 126 -0.02 7.79 14.98
N SER C 127 0.88 8.54 14.36
CA SER C 127 1.37 9.78 14.96
C SER C 127 0.33 10.89 14.83
N ASN C 128 0.46 11.94 15.64
CA ASN C 128 -0.48 13.06 15.60
C ASN C 128 -0.19 13.96 14.41
N HIS C 129 -1.24 14.42 13.75
CA HIS C 129 -1.05 15.26 12.57
C HIS C 129 -1.53 16.69 12.72
N SER C 130 -1.86 17.06 13.95
CA SER C 130 -2.33 18.40 14.22
C SER C 130 -1.18 19.32 14.63
N THR C 131 0.06 18.85 14.44
CA THR C 131 1.23 19.63 14.79
C THR C 131 2.44 19.29 13.94
N GLU C 132 3.41 20.20 13.95
CA GLU C 132 4.64 20.06 13.18
C GLU C 132 5.75 19.58 14.11
N VAL C 133 5.36 19.01 15.25
CA VAL C 133 6.33 18.52 16.22
C VAL C 133 6.65 17.04 15.96
N GLU C 134 7.93 16.70 16.11
CA GLU C 134 8.37 15.32 15.93
C GLU C 134 7.64 14.40 16.90
N PRO C 135 7.14 13.25 16.41
CA PRO C 135 6.44 12.33 17.31
C PRO C 135 7.40 11.76 18.36
N ARG C 136 6.93 11.53 19.53
CA ARG C 136 7.74 11.10 20.58
C ARG C 136 7.19 9.79 21.16
N ALA C 137 7.93 9.03 21.97
CA ALA C 137 7.48 7.78 22.55
C ALA C 137 6.07 7.83 23.17
N ASP C 138 5.77 8.90 23.89
CA ASP C 138 4.48 9.03 24.55
C ASP C 138 3.34 9.70 23.77
N THR C 139 3.53 9.90 22.47
CA THR C 139 2.48 10.52 21.66
C THR C 139 2.21 9.74 20.38
N ALA C 140 3.22 9.01 19.92
CA ALA C 140 3.11 8.23 18.69
C ALA C 140 2.25 6.98 18.77
N PHE C 141 2.20 6.34 19.94
CA PHE C 141 1.43 5.11 20.08
C PHE C 141 0.19 5.22 20.95
N LYS C 142 -0.54 6.32 20.86
CA LYS C 142 -1.73 6.46 21.68
C LYS C 142 -3.03 6.35 20.91
N VAL C 143 -4.02 5.73 21.54
CA VAL C 143 -5.33 5.59 20.92
C VAL C 143 -5.90 6.98 20.72
N ASP C 144 -6.44 7.26 19.54
CA ASP C 144 -7.02 8.57 19.26
C ASP C 144 -8.13 8.88 20.25
N ALA C 145 -8.11 10.10 20.79
CA ALA C 145 -9.13 10.52 21.73
C ALA C 145 -10.25 11.23 20.97
N ASN C 146 -9.91 11.78 19.80
CA ASN C 146 -10.88 12.48 18.96
C ASN C 146 -10.84 11.94 17.54
N TRP C 147 -11.95 12.10 16.83
CA TRP C 147 -11.99 11.66 15.45
C TRP C 147 -10.96 12.45 14.66
N GLN C 148 -10.22 11.77 13.79
CA GLN C 148 -9.22 12.42 12.96
C GLN C 148 -9.86 12.84 11.66
N LYS C 149 -9.53 14.04 11.18
CA LYS C 149 -10.08 14.47 9.90
C LYS C 149 -9.30 13.70 8.83
N HIS C 150 -9.75 13.78 7.59
CA HIS C 150 -9.14 13.02 6.52
C HIS C 150 -8.25 13.73 5.51
N ALA C 151 -8.62 14.94 5.14
CA ALA C 151 -7.86 15.70 4.14
C ALA C 151 -6.34 15.75 4.35
N GLN C 152 -5.82 15.93 5.47
CA GLN C 152 -4.47 16.01 5.62
C GLN C 152 -3.65 14.76 5.69
N ILE C 153 -4.16 13.72 5.33
CA ILE C 153 -3.33 12.53 5.25
C ILE C 153 -3.21 11.95 3.85
N LEU C 154 -4.04 12.41 2.92
CA LEU C 154 -3.98 11.91 1.55
C LEU C 154 -2.57 11.90 0.98
N THR C 155 -1.84 12.99 1.20
CA THR C 155 -0.48 13.08 0.69
C THR C 155 0.53 13.02 1.84
N GLY C 156 0.06 12.56 2.99
CA GLY C 156 0.94 12.46 4.14
C GLY C 156 0.98 13.73 4.96
N HIS C 157 1.80 13.71 5.99
CA HIS C 157 1.94 14.84 6.88
C HIS C 157 3.39 14.96 7.36
N ALA C 158 4.11 15.97 6.87
CA ALA C 158 5.49 16.17 7.27
C ALA C 158 5.55 16.92 8.60
N TYR C 159 6.48 16.52 9.47
CA TYR C 159 6.65 17.15 10.77
C TYR C 159 7.55 18.38 10.61
N VAL C 160 7.06 19.30 9.79
CA VAL C 160 7.79 20.51 9.45
C VAL C 160 6.81 21.69 9.63
N ASN C 161 7.33 22.90 9.79
CA ASN C 161 6.42 24.04 9.99
C ASN C 161 5.59 24.35 8.75
N THR C 162 4.43 24.94 9.00
CA THR C 162 3.46 25.29 7.97
C THR C 162 3.97 25.95 6.68
N THR C 163 5.03 26.75 6.76
CA THR C 163 5.53 27.41 5.56
C THR C 163 6.40 26.48 4.71
N THR C 164 7.08 25.54 5.37
CA THR C 164 7.92 24.57 4.65
C THR C 164 7.02 23.56 3.95
N LYS C 165 5.88 23.28 4.58
CA LYS C 165 4.88 22.35 4.08
C LYS C 165 4.55 22.59 2.61
N VAL C 166 4.65 23.85 2.20
CA VAL C 166 4.34 24.25 0.83
C VAL C 166 5.25 23.59 -0.20
N ASN C 167 6.51 23.36 0.17
CA ASN C 167 7.47 22.73 -0.73
C ASN C 167 7.63 21.23 -0.52
N VAL C 168 6.75 20.65 0.29
CA VAL C 168 6.77 19.22 0.58
C VAL C 168 5.47 18.63 0.06
N PRO C 169 5.46 18.14 -1.20
CA PRO C 169 4.25 17.56 -1.78
C PRO C 169 3.82 16.17 -1.29
N LEU C 170 4.75 15.37 -0.80
CA LEU C 170 4.41 14.01 -0.34
C LEU C 170 5.25 13.50 0.82
N ALA C 171 4.59 12.89 1.80
CA ALA C 171 5.28 12.31 2.96
C ALA C 171 4.97 10.82 2.98
N LEU C 172 5.93 10.01 3.41
CA LEU C 172 5.76 8.57 3.44
C LEU C 172 4.69 8.03 4.39
N ASN C 173 4.03 8.91 5.12
CA ASN C 173 2.96 8.45 6.00
C ASN C 173 1.61 8.71 5.35
N HIS C 174 1.64 8.87 4.03
CA HIS C 174 0.43 9.13 3.27
C HIS C 174 -0.51 7.92 3.32
N GLN C 175 -1.81 8.20 3.25
CA GLN C 175 -2.82 7.16 3.29
C GLN C 175 -3.97 7.52 2.35
N ASN C 176 -3.99 6.90 1.18
CA ASN C 176 -5.03 7.13 0.20
C ASN C 176 -6.27 6.37 0.67
N PHE C 177 -7.08 7.00 1.53
CA PHE C 177 -8.27 6.34 2.07
C PHE C 177 -9.29 5.81 1.07
N TRP C 178 -9.20 6.24 -0.18
CA TRP C 178 -10.12 5.76 -1.19
C TRP C 178 -9.91 4.27 -1.42
N GLN C 179 -8.76 3.76 -0.97
CA GLN C 179 -8.40 2.36 -1.12
C GLN C 179 -8.24 1.63 0.22
N TRP C 180 -8.70 2.24 1.31
CA TRP C 180 -8.56 1.64 2.64
C TRP C 180 -9.23 0.28 2.71
N THR C 181 -10.06 0.04 1.72
CA THR C 181 -10.80 -1.18 1.65
C THR C 181 -9.91 -2.35 1.17
N THR C 182 -8.64 -2.07 0.84
CA THR C 182 -7.72 -3.12 0.40
C THR C 182 -7.07 -3.77 1.62
N TYR C 183 -7.27 -3.19 2.81
CA TYR C 183 -6.75 -3.74 4.06
C TYR C 183 -7.78 -4.75 4.57
N PRO C 184 -7.34 -5.77 5.34
CA PRO C 184 -8.36 -6.71 5.83
C PRO C 184 -9.41 -5.90 6.59
N HIS C 185 -10.67 -6.04 6.19
CA HIS C 185 -11.71 -5.24 6.81
C HIS C 185 -13.09 -5.88 6.76
N GLN C 186 -14.04 -5.10 7.26
CA GLN C 186 -15.46 -5.43 7.28
C GLN C 186 -16.15 -4.08 7.35
N ILE C 187 -17.43 -4.04 7.03
CA ILE C 187 -18.18 -2.80 7.08
C ILE C 187 -19.26 -2.94 8.13
N LEU C 188 -19.46 -1.90 8.94
CA LEU C 188 -20.50 -1.92 9.95
C LEU C 188 -21.59 -1.00 9.42
N ASN C 189 -22.56 -1.51 8.73
CA ASN C 189 -23.67 -0.80 8.19
C ASN C 189 -24.76 -0.84 9.19
N LEU C 190 -25.24 0.20 9.75
CA LEU C 190 -26.27 0.24 10.79
C LEU C 190 -27.54 -0.56 10.50
N ARG C 191 -27.90 -0.65 9.22
CA ARG C 191 -29.10 -1.39 8.84
C ARG C 191 -28.88 -2.91 8.83
N THR C 192 -27.61 -3.32 8.81
CA THR C 192 -27.25 -4.73 8.74
C THR C 192 -26.66 -5.39 9.99
N ASN C 193 -25.61 -4.87 10.51
CA ASN C 193 -24.82 -5.34 11.59
C ASN C 193 -24.35 -4.49 12.75
N THR C 194 -24.33 -4.89 13.96
CA THR C 194 -23.88 -4.04 15.05
C THR C 194 -22.47 -4.44 15.47
N THR C 195 -21.90 -5.44 14.79
CA THR C 195 -20.55 -5.89 15.08
C THR C 195 -19.77 -6.30 13.84
N CYS C 196 -18.45 -6.21 13.94
CA CYS C 196 -17.54 -6.61 12.87
C CYS C 196 -16.50 -7.49 13.52
N ASP C 197 -16.17 -8.61 12.89
CA ASP C 197 -15.17 -9.52 13.43
C ASP C 197 -14.01 -9.73 12.47
N LEU C 198 -12.82 -9.39 12.95
CA LEU C 198 -11.59 -9.51 12.17
C LEU C 198 -10.53 -10.26 12.95
N GLU C 199 -9.56 -10.78 12.22
CA GLU C 199 -8.42 -11.46 12.80
C GLU C 199 -7.28 -11.35 11.81
N VAL C 200 -6.11 -10.99 12.29
CA VAL C 200 -4.93 -10.87 11.45
C VAL C 200 -3.77 -11.60 12.09
N PRO C 201 -2.84 -12.13 11.28
CA PRO C 201 -1.68 -12.86 11.79
C PRO C 201 -0.59 -11.87 12.20
N TYR C 202 0.59 -12.38 12.48
CA TYR C 202 1.69 -11.51 12.84
C TYR C 202 2.51 -11.19 11.59
N VAL C 203 2.69 -9.90 11.33
CA VAL C 203 3.51 -9.46 10.20
C VAL C 203 4.40 -8.37 10.77
N ASN C 204 5.49 -8.26 10.23
CA ASN C 204 6.57 -7.33 10.63
C ASN C 204 7.80 -7.25 9.77
N VAL C 205 8.72 -6.39 10.00
CA VAL C 205 9.95 -6.40 9.23
C VAL C 205 10.93 -7.46 9.77
N CYS C 206 10.59 -8.08 10.89
CA CYS C 206 11.43 -9.09 11.52
C CYS C 206 10.63 -10.16 12.29
N PRO C 207 11.26 -11.30 12.60
CA PRO C 207 10.67 -12.46 13.32
C PRO C 207 9.84 -12.14 14.56
N THR C 208 10.32 -11.20 15.38
CA THR C 208 9.58 -10.81 16.57
C THR C 208 9.81 -9.32 16.82
N SER C 209 8.93 -8.69 17.57
CA SER C 209 9.03 -7.25 17.76
C SER C 209 9.53 -6.64 19.06
N SER C 210 10.39 -5.63 18.90
CA SER C 210 10.91 -4.86 20.02
C SER C 210 9.80 -3.81 20.15
N TRP C 211 8.65 -4.27 20.63
CA TRP C 211 7.45 -3.45 20.74
C TRP C 211 7.58 -2.04 21.31
N THR C 212 8.51 -1.84 22.25
CA THR C 212 8.70 -0.52 22.82
C THR C 212 8.98 0.55 21.77
N GLN C 213 9.48 0.12 20.61
CA GLN C 213 9.82 1.02 19.50
C GLN C 213 8.87 0.94 18.31
N HIS C 214 7.91 0.02 18.35
CA HIS C 214 7.12 -0.18 17.15
C HIS C 214 5.70 -0.71 17.35
N ALA C 215 4.73 -0.01 16.76
CA ALA C 215 3.32 -0.44 16.80
C ALA C 215 3.09 -0.92 15.36
N ASN C 216 3.27 -2.12 15.12
CA ASN C 216 3.15 -2.75 13.87
C ASN C 216 1.82 -2.95 13.27
N TRP C 217 0.81 -3.03 14.08
CA TRP C 217 -0.58 -3.15 13.65
C TRP C 217 -1.41 -1.99 14.18
N THR C 218 -2.42 -1.59 13.41
CA THR C 218 -3.30 -0.52 13.84
C THR C 218 -4.73 -0.87 13.47
N LEU C 219 -5.62 -0.85 14.47
CA LEU C 219 -7.03 -1.10 14.23
C LEU C 219 -7.56 0.28 13.89
N VAL C 220 -8.32 0.40 12.81
CA VAL C 220 -8.84 1.69 12.41
C VAL C 220 -10.35 1.63 12.13
N ILE C 221 -11.09 2.58 12.68
CA ILE C 221 -12.52 2.67 12.45
C ILE C 221 -12.75 4.01 11.72
N ALA C 222 -13.24 3.94 10.49
CA ALA C 222 -13.48 5.14 9.70
C ALA C 222 -14.94 5.18 9.28
N VAL C 223 -15.55 6.36 9.22
CA VAL C 223 -16.94 6.39 8.78
C VAL C 223 -16.94 6.43 7.26
N LEU C 224 -17.86 5.70 6.65
CA LEU C 224 -17.96 5.66 5.19
C LEU C 224 -19.15 6.50 4.75
N THR C 225 -20.21 6.40 5.53
CA THR C 225 -21.44 7.13 5.29
C THR C 225 -21.79 7.79 6.61
N PRO C 226 -21.99 9.12 6.61
CA PRO C 226 -22.34 9.86 7.84
C PRO C 226 -23.58 9.38 8.57
N LEU C 227 -23.55 9.52 9.89
CA LEU C 227 -24.67 9.11 10.73
C LEU C 227 -25.87 10.03 10.50
N GLN C 228 -27.05 9.43 10.37
CA GLN C 228 -28.27 10.19 10.16
C GLN C 228 -29.40 9.58 10.96
N TYR C 229 -30.28 10.45 11.47
CA TYR C 229 -31.44 10.03 12.21
C TYR C 229 -32.36 11.22 12.37
N SER C 230 -33.64 10.97 12.61
CA SER C 230 -34.61 12.03 12.77
C SER C 230 -34.86 12.40 14.22
N GLN C 231 -35.50 13.55 14.40
CA GLN C 231 -35.84 14.08 15.72
C GLN C 231 -36.66 13.04 16.49
N GLY C 232 -36.15 12.63 17.65
CA GLY C 232 -36.86 11.65 18.45
C GLY C 232 -36.08 10.37 18.64
N SER C 233 -35.23 10.04 17.68
CA SER C 233 -34.41 8.83 17.73
C SER C 233 -33.24 9.03 18.69
N ALA C 234 -32.72 7.93 19.23
CA ALA C 234 -31.60 7.97 20.16
C ALA C 234 -30.45 8.76 19.54
N THR C 235 -29.89 9.71 20.28
CA THR C 235 -28.80 10.54 19.77
C THR C 235 -27.41 10.07 20.16
N THR C 236 -27.31 9.30 21.24
CA THR C 236 -26.00 8.80 21.66
C THR C 236 -25.70 7.47 20.99
N ILE C 237 -24.73 7.51 20.07
CA ILE C 237 -24.29 6.33 19.33
C ILE C 237 -22.80 6.18 19.63
N GLU C 238 -22.42 5.08 20.27
CA GLU C 238 -21.03 4.88 20.63
C GLU C 238 -20.40 3.64 20.00
N ILE C 239 -19.08 3.67 19.86
CA ILE C 239 -18.32 2.58 19.27
C ILE C 239 -17.39 1.98 20.31
N THR C 240 -17.39 0.65 20.39
CA THR C 240 -16.59 -0.10 21.34
C THR C 240 -15.78 -1.17 20.63
N ALA C 241 -14.86 -1.82 21.34
CA ALA C 241 -14.06 -2.89 20.74
C ALA C 241 -13.53 -3.90 21.75
N SER C 242 -13.48 -5.15 21.33
CA SER C 242 -12.95 -6.25 22.14
C SER C 242 -11.71 -6.70 21.39
N ILE C 243 -10.55 -6.51 22.00
CA ILE C 243 -9.28 -6.85 21.36
C ILE C 243 -8.57 -8.00 22.05
N GLN C 244 -8.30 -9.05 21.30
CA GLN C 244 -7.63 -10.23 21.83
C GLN C 244 -6.29 -10.50 21.19
N PRO C 245 -5.22 -10.53 21.99
CA PRO C 245 -3.91 -10.83 21.38
C PRO C 245 -3.92 -12.33 21.11
N VAL C 246 -3.68 -12.74 19.87
CA VAL C 246 -3.71 -14.16 19.53
C VAL C 246 -2.38 -14.89 19.76
N LYS C 247 -2.41 -15.85 20.68
CA LYS C 247 -1.25 -16.66 21.05
C LYS C 247 0.04 -15.86 21.14
N PRO C 248 0.06 -14.83 21.99
CA PRO C 248 1.29 -14.04 22.09
C PRO C 248 2.43 -14.86 22.67
N VAL C 249 3.63 -14.49 22.24
CA VAL C 249 5.05 -14.86 22.52
C VAL C 249 6.07 -13.86 23.17
N PHE C 250 6.38 -14.35 24.26
CA PHE C 250 7.33 -13.34 24.74
C PHE C 250 8.74 -13.87 24.89
N ASN C 251 9.72 -13.03 24.55
CA ASN C 251 11.14 -13.38 24.67
C ASN C 251 11.91 -12.22 25.31
N GLY C 252 13.07 -12.52 25.86
CA GLY C 252 13.89 -11.50 26.48
C GLY C 252 13.31 -10.91 27.76
N LEU C 253 13.16 -11.76 28.78
CA LEU C 253 12.64 -11.32 30.06
C LEU C 253 13.62 -10.34 30.72
N ARG C 254 13.08 -9.27 31.28
CA ARG C 254 13.90 -8.24 31.95
C ARG C 254 13.03 -7.47 32.94
N HIS C 255 13.59 -6.42 33.55
CA HIS C 255 12.82 -5.61 34.48
C HIS C 255 11.81 -4.82 33.65
N THR C 256 10.75 -4.33 34.30
CA THR C 256 9.69 -3.61 33.61
C THR C 256 10.04 -2.23 33.04
N VAL C 257 9.19 -1.73 32.14
CA VAL C 257 9.35 -0.42 31.53
C VAL C 257 8.67 0.67 32.39
N VAL C 258 9.06 1.93 32.16
CA VAL C 258 8.57 3.12 32.90
C VAL C 258 8.54 2.87 34.40
N GLY D 1 10.30 -13.37 -12.99
CA GLY D 1 9.79 -12.79 -14.15
C GLY D 1 10.69 -11.88 -14.90
N ASN D 2 10.89 -12.21 -16.08
CA ASN D 2 11.65 -11.42 -16.95
C ASN D 2 12.96 -11.88 -17.15
N GLU D 3 13.04 -13.13 -17.54
CA GLU D 3 14.25 -13.77 -17.74
C GLU D 3 13.79 -14.81 -18.68
N GLY D 4 14.37 -14.71 -19.71
CA GLY D 4 14.09 -15.51 -20.88
C GLY D 4 15.31 -15.85 -21.69
N VAL D 5 16.30 -16.50 -21.08
CA VAL D 5 17.49 -16.93 -21.80
C VAL D 5 17.47 -18.45 -21.68
N ILE D 6 17.63 -19.16 -22.72
CA ILE D 6 17.67 -20.49 -22.66
C ILE D 6 18.87 -21.11 -22.20
N ILE D 7 20.08 -20.68 -22.39
CA ILE D 7 21.29 -21.28 -21.83
C ILE D 7 21.37 -20.88 -20.35
N ASN D 8 21.83 -21.82 -19.53
CA ASN D 8 21.95 -21.58 -18.09
C ASN D 8 22.84 -20.40 -17.73
N ASN D 9 22.55 -19.79 -16.59
CA ASN D 9 23.31 -18.65 -16.11
C ASN D 9 24.79 -19.02 -15.95
N TYR D 10 25.68 -18.14 -16.42
CA TYR D 10 27.13 -18.36 -16.33
C TYR D 10 27.62 -18.44 -14.88
N TYR D 11 27.07 -17.61 -14.01
CA TYR D 11 27.45 -17.63 -12.61
C TYR D 11 26.51 -18.61 -11.92
N SER D 12 27.02 -19.38 -10.97
CA SER D 12 26.19 -20.35 -10.27
C SER D 12 25.06 -19.64 -9.56
N ASN D 13 24.02 -20.40 -9.24
CA ASN D 13 22.85 -19.86 -8.57
C ASN D 13 23.09 -19.22 -7.20
N GLN D 14 23.89 -19.80 -6.41
CA GLN D 14 24.48 -19.15 -5.18
C GLN D 14 25.13 -17.94 -5.27
N TYR D 15 25.59 -17.59 -6.35
CA TYR D 15 26.29 -16.33 -6.54
C TYR D 15 25.43 -15.32 -7.29
N GLN D 16 24.70 -15.79 -8.30
CA GLN D 16 23.86 -14.92 -9.09
C GLN D 16 22.72 -14.34 -8.25
N ASN D 17 22.18 -15.16 -7.36
CA ASN D 17 21.06 -14.74 -6.50
C ASN D 17 21.39 -14.96 -5.04
N SER D 18 20.72 -14.20 -4.17
CA SER D 18 20.93 -14.38 -2.74
C SER D 18 20.37 -15.77 -2.46
N ILE D 19 20.88 -16.43 -1.43
CA ILE D 19 20.43 -17.77 -1.08
C ILE D 19 19.24 -17.72 -0.14
N ASP D 20 18.11 -18.30 -0.56
CA ASP D 20 16.93 -18.30 0.29
C ASP D 20 17.01 -19.46 1.27
N LEU D 21 16.77 -19.15 2.53
CA LEU D 21 16.87 -20.14 3.59
C LEU D 21 15.76 -19.93 4.61
N SER D 22 15.22 -21.03 5.12
CA SER D 22 14.18 -20.96 6.14
C SER D 22 14.85 -21.13 7.50
N ALA D 23 14.45 -20.34 8.49
CA ALA D 23 15.03 -20.45 9.82
C ALA D 23 14.37 -21.54 10.65
N ASN D 24 13.34 -22.18 10.10
CA ASN D 24 12.60 -23.25 10.78
C ASN D 24 12.47 -24.51 9.92
#